data_6BL2
#
_entry.id   6BL2
#
_cell.length_a   95.508
_cell.length_b   274.889
_cell.length_c   116.143
_cell.angle_alpha   90.00
_cell.angle_beta   90.00
_cell.angle_gamma   90.00
#
_symmetry.space_group_name_H-M   'C 2 2 21'
#
loop_
_entity.id
_entity.type
_entity.pdbx_description
1 polymer 'Isocitrate dehydrogenase [NADP] cytoplasmic'
2 non-polymer 'CALCIUM ION'
3 non-polymer 'ISOCITRIC ACID'
4 non-polymer '3-[(6aS,7S,9S,10aS)-9-cyano-7-methyl-8-oxo-2-(phenylamino)-6,6a,7,8,9,10-hexahydrobenzo[h]quinazolin-10a(5H)-yl]benzoic acid'
5 water water
#
_entity_poly.entity_id   1
_entity_poly.type   'polypeptide(L)'
_entity_poly.pdbx_seq_one_letter_code
;MSKKISGGSVVEMQGDEMTRIIWELIKEKLIFPYVELDLHSYDLGIENRDATNDQVTKDAAEAIKKHNVGVKCATITPDE
KRVEEFKLKQMWKSPNGTIRNILGGTVFREAIICKNIPRLVSGWVKPIIIGRHAYGDQYRATDFVVPGPGKVEITYTPSD
GTQKVTYLVHNFEEGGGVAMGMYNQDKSIEDFAHSSFQMALSKGWPLYLSTKNTILKKYDGRFKDIFQEIYDKQYKSQFE
AQKIWYEHRLIDDMVAQAMKSEGGFIWACKNYDGDVQSDSVAQGYGSLGMMTSVLVCPDGKTVEAEAAHGTVTRHYRMYQ
KGQETSTNPIASIFAWTRGLAHRAKLDNNKELAFFANALEEVSIETIEAGFMTKDLAACIKGLPNVQRSDYLNTFEFMDK
LGENLKIKLAQAKLSLEHHHHHHHH
;
_entity_poly.pdbx_strand_id   A,B,C
#
# COMPACT_ATOMS: atom_id res chain seq x y z
N LYS A 3 -12.49 -0.54 -36.43
CA LYS A 3 -11.70 0.67 -36.57
C LYS A 3 -11.10 1.19 -35.23
N LYS A 4 -11.67 0.80 -34.06
CA LYS A 4 -11.12 1.20 -32.74
C LYS A 4 -10.00 0.25 -32.37
N ILE A 5 -9.00 0.73 -31.60
CA ILE A 5 -7.90 -0.10 -31.12
C ILE A 5 -8.45 -1.07 -30.08
N SER A 6 -8.01 -2.35 -30.14
CA SER A 6 -8.40 -3.38 -29.18
C SER A 6 -7.43 -3.21 -28.01
N GLY A 7 -7.92 -2.56 -26.94
CA GLY A 7 -7.12 -2.18 -25.79
C GLY A 7 -6.77 -3.21 -24.73
N GLY A 8 -7.61 -4.22 -24.56
CA GLY A 8 -7.36 -5.22 -23.54
C GLY A 8 -7.95 -4.86 -22.19
N SER A 9 -7.52 -5.56 -21.15
CA SER A 9 -8.06 -5.44 -19.80
C SER A 9 -7.41 -4.32 -18.98
N VAL A 10 -8.22 -3.41 -18.46
CA VAL A 10 -7.78 -2.27 -17.64
C VAL A 10 -8.73 -2.12 -16.46
N VAL A 11 -8.17 -1.95 -15.27
CA VAL A 11 -8.95 -1.65 -14.05
C VAL A 11 -8.98 -0.13 -13.89
N GLU A 12 -10.16 0.46 -13.84
CA GLU A 12 -10.23 1.89 -13.61
C GLU A 12 -10.86 2.16 -12.28
N MET A 13 -10.35 3.18 -11.57
CA MET A 13 -10.90 3.56 -10.29
C MET A 13 -11.37 4.99 -10.35
N GLN A 14 -12.70 5.20 -10.28
CA GLN A 14 -13.29 6.53 -10.31
C GLN A 14 -13.06 7.21 -8.97
N GLY A 15 -13.00 8.53 -8.97
CA GLY A 15 -12.68 9.29 -7.78
C GLY A 15 -13.69 10.32 -7.36
N ASP A 16 -13.16 11.45 -6.85
CA ASP A 16 -13.98 12.45 -6.23
C ASP A 16 -13.92 13.83 -6.83
N GLU A 17 -15.01 14.59 -6.58
CA GLU A 17 -15.19 16.00 -6.86
C GLU A 17 -14.78 16.42 -8.30
N MET A 18 -13.92 17.45 -8.48
CA MET A 18 -13.60 17.94 -9.82
C MET A 18 -12.89 16.93 -10.68
N THR A 19 -11.96 16.17 -10.09
CA THR A 19 -11.24 15.12 -10.81
C THR A 19 -12.18 14.01 -11.30
N ARG A 20 -13.30 13.75 -10.58
CA ARG A 20 -14.27 12.75 -11.02
C ARG A 20 -14.95 13.23 -12.33
N ILE A 21 -15.29 14.53 -12.43
CA ILE A 21 -15.89 15.13 -13.63
C ILE A 21 -14.89 15.05 -14.79
N ILE A 22 -13.64 15.45 -14.54
CA ILE A 22 -12.57 15.43 -15.53
C ILE A 22 -12.30 14.03 -16.05
N TRP A 23 -12.31 13.02 -15.16
CA TRP A 23 -12.08 11.61 -15.48
C TRP A 23 -13.09 11.13 -16.55
N GLU A 24 -14.39 11.51 -16.39
CA GLU A 24 -15.47 11.17 -17.32
C GLU A 24 -15.26 11.87 -18.67
N LEU A 25 -14.84 13.16 -18.66
CA LEU A 25 -14.52 13.92 -19.87
C LEU A 25 -13.36 13.28 -20.62
N ILE A 26 -12.34 12.81 -19.90
CA ILE A 26 -11.19 12.13 -20.52
C ILE A 26 -11.64 10.87 -21.25
N LYS A 27 -12.44 10.02 -20.58
CA LYS A 27 -12.91 8.78 -21.18
C LYS A 27 -13.77 9.05 -22.41
N GLU A 28 -14.72 9.98 -22.30
CA GLU A 28 -15.63 10.30 -23.39
C GLU A 28 -14.98 10.98 -24.58
N LYS A 29 -14.07 11.94 -24.35
CA LYS A 29 -13.47 12.70 -25.45
C LYS A 29 -12.13 12.18 -25.96
N LEU A 30 -11.35 11.52 -25.11
CA LEU A 30 -10.00 11.14 -25.52
C LEU A 30 -9.72 9.67 -25.63
N ILE A 31 -10.38 8.84 -24.84
CA ILE A 31 -10.07 7.41 -24.83
C ILE A 31 -11.07 6.58 -25.64
N PHE A 32 -12.35 6.57 -25.22
CA PHE A 32 -13.44 5.76 -25.81
C PHE A 32 -13.64 5.99 -27.32
N PRO A 33 -13.45 7.19 -27.92
CA PRO A 33 -13.60 7.29 -29.39
C PRO A 33 -12.54 6.51 -30.18
N TYR A 34 -11.41 6.14 -29.53
CA TYR A 34 -10.32 5.48 -30.25
C TYR A 34 -9.92 4.11 -29.75
N VAL A 35 -10.30 3.76 -28.50
CA VAL A 35 -9.87 2.51 -27.87
C VAL A 35 -11.08 1.80 -27.29
N GLU A 36 -11.16 0.49 -27.56
CA GLU A 36 -12.19 -0.38 -27.00
C GLU A 36 -11.48 -1.16 -25.90
N LEU A 37 -12.02 -1.12 -24.68
CA LEU A 37 -11.37 -1.80 -23.58
C LEU A 37 -12.26 -2.80 -22.89
N ASP A 38 -11.64 -3.80 -22.25
CA ASP A 38 -12.31 -4.70 -21.32
C ASP A 38 -12.08 -3.95 -19.99
N LEU A 39 -12.96 -3.00 -19.69
CA LEU A 39 -12.81 -2.11 -18.55
C LEU A 39 -13.45 -2.65 -17.27
N HIS A 40 -12.67 -2.78 -16.20
CA HIS A 40 -13.19 -3.26 -14.91
C HIS A 40 -13.29 -2.02 -14.04
N SER A 41 -14.51 -1.47 -13.90
CA SER A 41 -14.70 -0.21 -13.20
C SER A 41 -15.06 -0.35 -11.75
N TYR A 42 -14.33 0.38 -10.90
CA TYR A 42 -14.55 0.43 -9.46
C TYR A 42 -14.76 1.85 -9.07
N ASP A 43 -15.88 2.14 -8.42
CA ASP A 43 -16.16 3.50 -8.03
C ASP A 43 -15.54 3.76 -6.64
N LEU A 44 -14.39 4.48 -6.61
CA LEU A 44 -13.72 4.84 -5.37
C LEU A 44 -14.14 6.23 -4.89
N GLY A 45 -15.29 6.70 -5.36
CA GLY A 45 -15.88 7.94 -4.87
C GLY A 45 -16.15 7.75 -3.39
N ILE A 46 -16.05 8.82 -2.58
CA ILE A 46 -16.23 8.72 -1.12
C ILE A 46 -17.60 8.10 -0.72
N GLU A 47 -18.67 8.40 -1.47
CA GLU A 47 -20.03 7.88 -1.22
C GLU A 47 -20.08 6.35 -1.43
N ASN A 48 -19.36 5.85 -2.45
CA ASN A 48 -19.33 4.41 -2.70
C ASN A 48 -18.43 3.66 -1.73
N ARG A 49 -17.30 4.27 -1.31
CA ARG A 49 -16.44 3.65 -0.30
C ARG A 49 -17.23 3.58 1.02
N ASP A 50 -18.02 4.62 1.34
CA ASP A 50 -18.84 4.61 2.54
C ASP A 50 -19.92 3.51 2.50
N ALA A 51 -20.64 3.41 1.36
CA ALA A 51 -21.69 2.42 1.11
C ALA A 51 -21.19 0.97 1.21
N THR A 52 -19.95 0.70 0.76
CA THR A 52 -19.37 -0.64 0.77
C THR A 52 -18.47 -0.89 1.97
N ASN A 53 -18.43 0.02 2.94
CA ASN A 53 -17.55 -0.06 4.12
C ASN A 53 -16.08 -0.22 3.70
N ASP A 54 -15.70 0.52 2.63
CA ASP A 54 -14.36 0.53 2.02
C ASP A 54 -13.99 -0.75 1.30
N GLN A 55 -14.95 -1.70 1.11
CA GLN A 55 -14.67 -2.96 0.42
C GLN A 55 -14.29 -2.77 -1.04
N VAL A 56 -14.93 -1.80 -1.72
CA VAL A 56 -14.65 -1.49 -3.13
C VAL A 56 -13.15 -1.21 -3.36
N THR A 57 -12.48 -0.57 -2.37
CA THR A 57 -11.04 -0.24 -2.44
C THR A 57 -10.22 -1.52 -2.51
N LYS A 58 -10.53 -2.49 -1.61
CA LYS A 58 -9.82 -3.80 -1.57
C LYS A 58 -10.09 -4.61 -2.82
N ASP A 59 -11.35 -4.57 -3.30
CA ASP A 59 -11.75 -5.27 -4.54
C ASP A 59 -10.98 -4.72 -5.74
N ALA A 60 -10.84 -3.38 -5.81
CA ALA A 60 -10.09 -2.74 -6.91
C ALA A 60 -8.64 -3.21 -6.90
N ALA A 61 -7.99 -3.24 -5.71
CA ALA A 61 -6.59 -3.69 -5.55
C ALA A 61 -6.42 -5.12 -6.03
N GLU A 62 -7.35 -6.02 -5.64
CA GLU A 62 -7.35 -7.42 -6.10
C GLU A 62 -7.54 -7.52 -7.61
N ALA A 63 -8.37 -6.65 -8.20
CA ALA A 63 -8.56 -6.65 -9.67
C ALA A 63 -7.27 -6.22 -10.38
N ILE A 64 -6.50 -5.28 -9.79
CA ILE A 64 -5.24 -4.84 -10.38
C ILE A 64 -4.25 -6.00 -10.35
N LYS A 65 -4.18 -6.76 -9.24
CA LYS A 65 -3.29 -7.94 -9.15
C LYS A 65 -3.63 -8.93 -10.31
N LYS A 66 -4.93 -9.11 -10.57
CA LYS A 66 -5.43 -10.04 -11.58
C LYS A 66 -5.16 -9.56 -13.00
N HIS A 67 -5.51 -8.29 -13.32
CA HIS A 67 -5.43 -7.76 -14.69
C HIS A 67 -4.15 -6.97 -15.02
N ASN A 68 -3.28 -6.71 -14.03
CA ASN A 68 -1.96 -6.08 -14.12
C ASN A 68 -1.92 -4.59 -14.47
N VAL A 69 -3.05 -3.94 -14.74
CA VAL A 69 -2.98 -2.50 -15.01
C VAL A 69 -4.21 -1.82 -14.41
N GLY A 70 -3.90 -0.82 -13.59
CA GLY A 70 -4.88 0.04 -12.94
C GLY A 70 -4.61 1.47 -13.30
N VAL A 71 -5.69 2.28 -13.41
CA VAL A 71 -5.63 3.69 -13.69
C VAL A 71 -6.55 4.31 -12.67
N LYS A 72 -6.00 5.17 -11.78
CA LYS A 72 -6.79 5.71 -10.68
C LYS A 72 -6.99 7.24 -10.71
N CYS A 73 -8.23 7.68 -10.50
CA CYS A 73 -8.61 9.07 -10.38
C CYS A 73 -8.33 9.53 -8.93
N ALA A 74 -8.01 10.82 -8.73
CA ALA A 74 -7.75 11.38 -7.40
C ALA A 74 -8.98 11.17 -6.50
N THR A 75 -8.74 10.80 -5.24
CA THR A 75 -9.80 10.54 -4.24
C THR A 75 -9.63 11.37 -2.98
N ILE A 76 -10.72 11.49 -2.19
CA ILE A 76 -10.72 12.17 -0.89
C ILE A 76 -10.27 11.16 0.19
N THR A 77 -9.28 11.52 1.05
CA THR A 77 -8.92 10.77 2.27
C THR A 77 -9.62 11.58 3.37
N PRO A 78 -10.73 11.04 3.94
CA PRO A 78 -11.54 11.87 4.84
C PRO A 78 -10.94 12.19 6.19
N ASP A 79 -11.23 13.42 6.64
CA ASP A 79 -10.87 13.94 7.96
C ASP A 79 -12.22 14.20 8.64
N GLU A 80 -12.21 14.85 9.82
CA GLU A 80 -13.42 15.16 10.59
C GLU A 80 -14.45 15.96 9.80
N LYS A 81 -14.00 16.97 9.02
CA LYS A 81 -14.88 17.81 8.20
C LYS A 81 -15.59 17.00 7.10
N ARG A 82 -14.87 16.06 6.46
CA ARG A 82 -15.45 15.20 5.41
C ARG A 82 -16.48 14.24 5.99
N VAL A 83 -16.23 13.73 7.22
CA VAL A 83 -17.16 12.84 7.95
C VAL A 83 -18.47 13.62 8.11
N GLU A 84 -18.41 14.90 8.52
CA GLU A 84 -19.60 15.75 8.68
C GLU A 84 -20.29 16.04 7.36
N GLU A 85 -19.52 16.43 6.32
CA GLU A 85 -20.01 16.76 4.99
C GLU A 85 -20.74 15.59 4.31
N PHE A 86 -20.15 14.40 4.33
CA PHE A 86 -20.72 13.25 3.65
C PHE A 86 -21.52 12.31 4.54
N LYS A 87 -21.64 12.64 5.85
CA LYS A 87 -22.35 11.82 6.86
C LYS A 87 -21.77 10.40 6.84
N LEU A 88 -20.43 10.30 6.90
CA LEU A 88 -19.73 9.01 6.81
C LEU A 88 -19.90 8.18 8.07
N LYS A 89 -19.87 6.85 7.92
CA LYS A 89 -20.00 5.88 9.03
C LYS A 89 -18.70 5.84 9.82
N GLN A 90 -17.57 6.03 9.11
CA GLN A 90 -16.22 5.98 9.67
C GLN A 90 -15.32 6.96 8.92
N MET A 91 -14.19 7.33 9.54
CA MET A 91 -13.18 8.17 8.91
C MET A 91 -12.28 7.19 8.14
N TRP A 92 -12.73 6.78 6.94
CA TRP A 92 -12.08 5.79 6.09
C TRP A 92 -10.61 6.09 5.84
N LYS A 93 -9.79 5.04 5.80
CA LYS A 93 -8.37 5.18 5.57
C LYS A 93 -8.12 5.58 4.12
N SER A 94 -6.97 6.20 3.86
CA SER A 94 -6.57 6.56 2.51
C SER A 94 -6.71 5.36 1.56
N PRO A 95 -7.46 5.50 0.44
CA PRO A 95 -7.57 4.39 -0.53
C PRO A 95 -6.24 4.11 -1.22
N ASN A 96 -5.39 5.15 -1.39
CA ASN A 96 -4.05 4.99 -1.99
C ASN A 96 -3.17 4.14 -1.09
N GLY A 97 -3.18 4.43 0.21
CA GLY A 97 -2.47 3.62 1.20
C GLY A 97 -2.91 2.17 1.15
N THR A 98 -4.24 1.93 1.12
CA THR A 98 -4.80 0.55 1.05
C THR A 98 -4.32 -0.19 -0.21
N ILE A 99 -4.44 0.43 -1.40
CA ILE A 99 -4.04 -0.20 -2.65
C ILE A 99 -2.53 -0.48 -2.65
N ARG A 100 -1.71 0.53 -2.27
CA ARG A 100 -0.25 0.40 -2.29
C ARG A 100 0.21 -0.65 -1.29
N ASN A 101 -0.44 -0.74 -0.14
CA ASN A 101 -0.05 -1.75 0.86
C ASN A 101 -0.38 -3.18 0.39
N ILE A 102 -1.46 -3.35 -0.39
CA ILE A 102 -1.86 -4.66 -0.94
C ILE A 102 -0.92 -5.04 -2.09
N LEU A 103 -0.66 -4.10 -3.00
CA LEU A 103 0.17 -4.41 -4.16
C LEU A 103 1.66 -4.40 -3.91
N GLY A 104 2.12 -3.46 -3.08
CA GLY A 104 3.54 -3.25 -2.78
C GLY A 104 4.21 -2.59 -3.97
N GLY A 105 5.51 -2.37 -3.84
CA GLY A 105 6.31 -1.81 -4.92
C GLY A 105 6.88 -0.44 -4.68
N THR A 106 7.13 0.30 -5.76
CA THR A 106 7.72 1.63 -5.77
C THR A 106 6.89 2.55 -6.66
N VAL A 107 6.54 3.73 -6.15
CA VAL A 107 5.77 4.74 -6.91
C VAL A 107 6.80 5.66 -7.58
N PHE A 108 6.91 5.60 -8.91
CA PHE A 108 7.84 6.46 -9.67
C PHE A 108 7.12 7.72 -10.07
N ARG A 109 7.70 8.88 -9.69
CA ARG A 109 7.12 10.18 -9.91
C ARG A 109 8.07 11.06 -10.64
N GLU A 110 7.55 11.79 -11.63
CA GLU A 110 8.37 12.67 -12.47
C GLU A 110 7.52 13.80 -12.99
N ALA A 111 8.10 15.01 -13.05
CA ALA A 111 7.39 16.17 -13.60
C ALA A 111 7.05 15.95 -15.08
N ILE A 112 5.92 16.52 -15.53
CA ILE A 112 5.50 16.54 -16.93
C ILE A 112 5.96 17.93 -17.43
N ILE A 113 6.99 17.97 -18.26
CA ILE A 113 7.59 19.23 -18.70
C ILE A 113 6.95 19.83 -19.95
N CYS A 114 6.55 21.11 -19.81
CA CYS A 114 6.11 22.03 -20.85
C CYS A 114 7.11 23.19 -20.83
N LYS A 115 7.85 23.34 -21.93
CA LYS A 115 8.93 24.33 -22.10
C LYS A 115 8.54 25.78 -21.77
N ASN A 116 7.26 26.13 -21.88
CA ASN A 116 6.76 27.50 -21.63
C ASN A 116 6.32 27.75 -20.18
N ILE A 117 6.33 26.69 -19.33
CA ILE A 117 5.98 26.85 -17.92
C ILE A 117 7.31 27.11 -17.18
N PRO A 118 7.47 28.29 -16.54
CA PRO A 118 8.76 28.56 -15.88
C PRO A 118 9.00 27.67 -14.66
N ARG A 119 10.22 27.15 -14.53
CA ARG A 119 10.60 26.38 -13.34
C ARG A 119 10.78 27.39 -12.21
N LEU A 120 10.56 26.95 -10.97
CA LEU A 120 10.80 27.79 -9.79
C LEU A 120 12.23 27.61 -9.31
N VAL A 121 12.87 26.51 -9.74
CA VAL A 121 14.26 26.18 -9.42
C VAL A 121 15.02 26.24 -10.75
N SER A 122 15.73 27.34 -10.97
CA SER A 122 16.50 27.67 -12.18
C SER A 122 17.44 26.58 -12.67
N GLY A 123 18.23 26.01 -11.76
CA GLY A 123 19.22 24.99 -12.08
C GLY A 123 18.73 23.67 -12.63
N TRP A 124 17.45 23.31 -12.40
CA TRP A 124 16.93 21.99 -12.81
C TRP A 124 16.73 21.83 -14.35
N VAL A 125 17.82 21.59 -15.09
CA VAL A 125 17.79 21.48 -16.56
C VAL A 125 17.50 20.04 -17.04
N LYS A 126 17.70 19.05 -16.15
CA LYS A 126 17.43 17.65 -16.44
C LYS A 126 16.36 17.16 -15.44
N PRO A 127 15.59 16.09 -15.78
CA PRO A 127 14.53 15.63 -14.86
C PRO A 127 15.04 14.93 -13.62
N ILE A 128 14.21 14.91 -12.60
CA ILE A 128 14.50 14.20 -11.37
C ILE A 128 13.39 13.15 -11.25
N ILE A 129 13.77 11.89 -11.07
CA ILE A 129 12.76 10.85 -10.88
C ILE A 129 12.81 10.40 -9.43
N ILE A 130 11.67 10.46 -8.74
CA ILE A 130 11.60 9.97 -7.37
C ILE A 130 11.01 8.57 -7.40
N GLY A 131 11.68 7.64 -6.73
CA GLY A 131 11.25 6.27 -6.51
C GLY A 131 10.79 6.19 -5.07
N ARG A 132 9.50 6.38 -4.84
CA ARG A 132 8.90 6.36 -3.49
C ARG A 132 8.50 4.92 -3.08
N HIS A 133 9.14 4.37 -2.04
CA HIS A 133 8.81 3.03 -1.51
C HIS A 133 7.34 3.10 -1.14
N ALA A 134 6.51 2.22 -1.72
CA ALA A 134 5.05 2.31 -1.57
C ALA A 134 4.45 1.56 -0.41
N TYR A 135 5.26 0.86 0.35
CA TYR A 135 4.79 0.02 1.43
C TYR A 135 5.27 0.42 2.82
N GLY A 136 4.39 0.23 3.81
CA GLY A 136 4.72 0.35 5.22
C GLY A 136 5.00 1.74 5.73
N ASP A 137 5.81 1.78 6.80
CA ASP A 137 6.18 3.00 7.55
C ASP A 137 4.90 3.71 8.01
N GLN A 138 4.81 5.04 7.87
CA GLN A 138 3.62 5.80 8.35
C GLN A 138 2.29 5.36 7.75
N TYR A 139 2.31 4.79 6.55
CA TYR A 139 1.11 4.41 5.83
C TYR A 139 0.49 3.07 6.27
N ARG A 140 1.17 2.34 7.15
CA ARG A 140 0.61 1.11 7.73
C ARG A 140 0.92 1.09 9.24
N ALA A 141 0.95 2.28 9.83
CA ALA A 141 1.27 2.46 11.24
C ALA A 141 0.04 2.31 12.13
N THR A 142 0.28 2.04 13.42
CA THR A 142 -0.78 2.02 14.40
C THR A 142 -0.52 3.20 15.32
N ASP A 143 -1.39 4.21 15.32
CA ASP A 143 -1.15 5.39 16.15
C ASP A 143 -2.34 5.62 17.05
N PHE A 144 -2.12 6.24 18.20
CA PHE A 144 -3.20 6.45 19.18
C PHE A 144 -2.87 7.57 20.13
N VAL A 145 -3.91 8.11 20.76
CA VAL A 145 -3.79 9.15 21.77
C VAL A 145 -3.51 8.43 23.10
N VAL A 146 -2.55 8.96 23.87
CA VAL A 146 -2.23 8.44 25.19
C VAL A 146 -3.07 9.33 26.12
N PRO A 147 -4.17 8.82 26.72
CA PRO A 147 -5.08 9.71 27.47
C PRO A 147 -4.53 10.26 28.80
N GLY A 148 -3.55 9.58 29.37
CA GLY A 148 -2.98 9.98 30.64
C GLY A 148 -1.76 9.19 31.02
N PRO A 149 -1.29 9.36 32.29
CA PRO A 149 -0.09 8.65 32.71
C PRO A 149 -0.14 7.15 32.53
N GLY A 150 0.99 6.58 32.18
CA GLY A 150 1.11 5.15 31.97
C GLY A 150 2.26 4.81 31.06
N LYS A 151 2.47 3.52 30.84
CA LYS A 151 3.57 3.05 30.01
C LYS A 151 3.16 2.65 28.60
N VAL A 152 3.98 3.00 27.61
CA VAL A 152 3.83 2.55 26.25
C VAL A 152 5.04 1.68 26.00
N GLU A 153 4.82 0.43 25.61
CA GLU A 153 5.88 -0.55 25.35
C GLU A 153 5.71 -1.17 23.99
N ILE A 154 6.81 -1.65 23.40
CA ILE A 154 6.81 -2.30 22.10
C ILE A 154 7.49 -3.65 22.28
N THR A 155 6.82 -4.71 21.80
CA THR A 155 7.31 -6.07 22.04
C THR A 155 7.46 -6.85 20.77
N TYR A 156 8.43 -7.72 20.77
CA TYR A 156 8.64 -8.62 19.65
C TYR A 156 8.54 -10.04 20.21
N THR A 157 7.64 -10.87 19.66
CA THR A 157 7.46 -12.28 20.09
C THR A 157 7.82 -13.18 18.90
N PRO A 158 9.03 -13.76 18.85
CA PRO A 158 9.39 -14.63 17.72
C PRO A 158 8.44 -15.82 17.57
N SER A 159 8.09 -16.16 16.31
CA SER A 159 7.18 -17.27 15.99
C SER A 159 7.79 -18.61 16.43
N ASP A 160 9.13 -18.71 16.46
CA ASP A 160 9.86 -19.88 16.93
C ASP A 160 9.91 -19.92 18.46
N GLY A 161 9.24 -18.95 19.10
CA GLY A 161 9.09 -18.77 20.54
C GLY A 161 10.34 -18.85 21.40
N THR A 162 11.53 -18.72 20.79
CA THR A 162 12.82 -18.81 21.48
C THR A 162 13.06 -17.69 22.49
N GLN A 163 12.33 -16.57 22.37
CA GLN A 163 12.45 -15.41 23.27
C GLN A 163 11.19 -14.50 23.22
N LYS A 164 11.30 -13.30 23.78
CA LYS A 164 10.34 -12.19 23.81
C LYS A 164 11.12 -10.99 24.30
N VAL A 165 11.11 -9.91 23.52
CA VAL A 165 11.80 -8.69 23.87
C VAL A 165 10.78 -7.58 24.01
N THR A 166 10.78 -6.89 25.15
CA THR A 166 9.92 -5.76 25.46
C THR A 166 10.78 -4.53 25.66
N TYR A 167 10.46 -3.45 24.93
CA TYR A 167 11.18 -2.18 25.05
C TYR A 167 10.23 -1.14 25.53
N LEU A 168 10.69 -0.26 26.40
CA LEU A 168 9.85 0.82 26.85
C LEU A 168 9.91 1.92 25.79
N VAL A 169 8.75 2.39 25.32
CA VAL A 169 8.74 3.49 24.35
C VAL A 169 8.81 4.77 25.20
N HIS A 170 7.90 4.89 26.17
CA HIS A 170 7.87 6.03 27.05
C HIS A 170 6.99 5.76 28.25
N ASN A 171 7.42 6.27 29.42
CA ASN A 171 6.63 6.23 30.62
C ASN A 171 6.07 7.66 30.76
N PHE A 172 4.78 7.82 30.52
CA PHE A 172 4.12 9.10 30.67
C PHE A 172 3.86 9.27 32.17
N GLU A 173 4.65 10.13 32.83
CA GLU A 173 4.56 10.32 34.28
C GLU A 173 3.47 11.28 34.66
N GLU A 174 3.33 12.36 33.90
CA GLU A 174 2.26 13.34 34.10
C GLU A 174 1.65 13.62 32.74
N GLY A 175 0.33 13.67 32.69
CA GLY A 175 -0.40 13.95 31.46
C GLY A 175 -0.25 12.87 30.40
N GLY A 176 -0.79 13.14 29.22
CA GLY A 176 -0.76 12.20 28.12
C GLY A 176 0.01 12.71 26.92
N GLY A 177 -0.40 12.24 25.76
CA GLY A 177 0.24 12.63 24.50
C GLY A 177 -0.22 11.75 23.39
N VAL A 178 0.74 11.25 22.59
CA VAL A 178 0.49 10.37 21.44
C VAL A 178 1.59 9.35 21.35
N ALA A 179 1.31 8.21 20.72
CA ALA A 179 2.31 7.17 20.49
C ALA A 179 1.96 6.42 19.22
N MET A 180 2.95 5.73 18.65
CA MET A 180 2.70 4.98 17.43
C MET A 180 3.76 3.94 17.24
N GLY A 181 3.36 2.87 16.57
CA GLY A 181 4.25 1.79 16.16
C GLY A 181 4.21 1.75 14.65
N MET A 182 5.35 1.47 14.01
CA MET A 182 5.39 1.31 12.56
C MET A 182 6.44 0.29 12.22
N TYR A 183 6.41 -0.20 10.99
CA TYR A 183 7.32 -1.26 10.57
C TYR A 183 7.57 -1.23 9.08
N ASN A 184 8.54 -2.04 8.66
CA ASN A 184 8.78 -2.34 7.27
C ASN A 184 9.29 -3.78 7.15
N GLN A 185 9.25 -4.35 5.94
CA GLN A 185 9.62 -5.74 5.70
C GLN A 185 10.84 -5.79 4.83
N ASP A 186 11.77 -6.71 5.15
CA ASP A 186 13.00 -6.89 4.37
C ASP A 186 12.75 -7.13 2.88
N LYS A 187 11.81 -8.03 2.53
CA LYS A 187 11.53 -8.35 1.11
C LYS A 187 11.03 -7.11 0.36
N SER A 188 10.14 -6.32 1.00
CA SER A 188 9.65 -5.07 0.41
C SER A 188 10.81 -4.07 0.15
N ILE A 189 11.74 -3.95 1.11
CA ILE A 189 12.91 -3.06 1.00
C ILE A 189 13.81 -3.57 -0.12
N GLU A 190 14.03 -4.90 -0.20
CA GLU A 190 14.85 -5.48 -1.29
C GLU A 190 14.27 -5.16 -2.68
N ASP A 191 12.92 -5.31 -2.83
CA ASP A 191 12.21 -5.02 -4.09
C ASP A 191 12.35 -3.53 -4.42
N PHE A 192 12.27 -2.66 -3.40
CA PHE A 192 12.41 -1.21 -3.57
C PHE A 192 13.84 -0.92 -4.09
N ALA A 193 14.84 -1.61 -3.56
CA ALA A 193 16.23 -1.45 -4.00
C ALA A 193 16.43 -1.86 -5.46
N HIS A 194 15.97 -3.08 -5.85
CA HIS A 194 16.05 -3.55 -7.24
C HIS A 194 15.38 -2.60 -8.22
N SER A 195 14.15 -2.13 -7.92
CA SER A 195 13.43 -1.22 -8.81
C SER A 195 14.21 0.11 -8.99
N SER A 196 14.82 0.63 -7.90
CA SER A 196 15.59 1.87 -7.92
C SER A 196 16.89 1.74 -8.74
N PHE A 197 17.64 0.66 -8.56
CA PHE A 197 18.88 0.44 -9.32
C PHE A 197 18.57 0.26 -10.81
N GLN A 198 17.54 -0.56 -11.12
CA GLN A 198 17.08 -0.82 -12.49
C GLN A 198 16.58 0.45 -13.14
N MET A 199 15.83 1.32 -12.38
CA MET A 199 15.41 2.61 -12.95
C MET A 199 16.63 3.47 -13.31
N ALA A 200 17.65 3.49 -12.42
CA ALA A 200 18.88 4.26 -12.64
C ALA A 200 19.64 3.75 -13.88
N LEU A 201 19.80 2.41 -14.00
CA LEU A 201 20.48 1.80 -15.16
C LEU A 201 19.70 2.03 -16.47
N SER A 202 18.36 2.02 -16.40
CA SER A 202 17.49 2.28 -17.56
C SER A 202 17.66 3.72 -18.06
N LYS A 203 17.76 4.69 -17.15
CA LYS A 203 17.88 6.07 -17.56
C LYS A 203 19.33 6.52 -17.83
N GLY A 204 20.30 5.77 -17.33
CA GLY A 204 21.70 6.15 -17.43
C GLY A 204 21.99 7.32 -16.50
N TRP A 205 21.30 7.38 -15.33
CA TRP A 205 21.48 8.44 -14.34
C TRP A 205 21.94 7.89 -13.00
N PRO A 206 22.68 8.66 -12.17
CA PRO A 206 23.05 8.14 -10.84
C PRO A 206 21.84 8.01 -9.92
N LEU A 207 21.98 7.18 -8.88
CA LEU A 207 20.92 6.92 -7.90
C LEU A 207 21.34 7.35 -6.50
N TYR A 208 20.41 7.97 -5.77
CA TYR A 208 20.65 8.37 -4.39
C TYR A 208 19.54 7.82 -3.53
N LEU A 209 19.88 7.23 -2.39
CA LEU A 209 18.89 6.81 -1.41
C LEU A 209 19.02 7.79 -0.23
N SER A 210 17.91 8.32 0.27
CA SER A 210 17.92 9.18 1.45
C SER A 210 17.33 8.45 2.67
N THR A 211 17.99 8.57 3.82
CA THR A 211 17.49 8.01 5.09
C THR A 211 17.97 8.97 6.21
N LYS A 212 17.65 8.64 7.45
CA LYS A 212 18.19 9.39 8.58
C LYS A 212 18.76 8.30 9.53
N ASN A 213 19.68 7.49 9.00
CA ASN A 213 20.27 6.35 9.73
C ASN A 213 21.12 6.75 10.95
N THR A 214 21.51 8.03 11.05
CA THR A 214 22.27 8.52 12.20
C THR A 214 21.34 8.64 13.42
N ILE A 215 20.02 8.76 13.15
CA ILE A 215 18.99 8.89 14.19
C ILE A 215 18.27 7.58 14.39
N LEU A 216 17.70 6.99 13.34
CA LEU A 216 17.06 5.69 13.43
C LEU A 216 18.10 4.70 12.93
N LYS A 217 19.04 4.38 13.81
CA LYS A 217 20.21 3.53 13.50
C LYS A 217 19.83 2.12 13.03
N LYS A 218 18.76 1.56 13.60
CA LYS A 218 18.33 0.21 13.21
C LYS A 218 17.33 0.23 12.07
N TYR A 219 16.27 1.04 12.19
CA TYR A 219 15.21 1.15 11.17
C TYR A 219 15.75 1.65 9.83
N ASP A 220 16.33 2.87 9.80
CA ASP A 220 16.88 3.44 8.56
C ASP A 220 18.19 2.76 8.18
N GLY A 221 18.92 2.29 9.18
CA GLY A 221 20.16 1.54 8.93
C GLY A 221 19.89 0.33 8.07
N ARG A 222 18.72 -0.35 8.27
CA ARG A 222 18.35 -1.53 7.48
C ARG A 222 18.15 -1.19 6.01
N PHE A 223 17.52 -0.04 5.71
CA PHE A 223 17.33 0.41 4.34
C PHE A 223 18.70 0.64 3.70
N LYS A 224 19.58 1.39 4.42
CA LYS A 224 20.93 1.70 3.94
C LYS A 224 21.72 0.40 3.65
N ASP A 225 21.70 -0.55 4.58
CA ASP A 225 22.43 -1.83 4.44
C ASP A 225 21.91 -2.71 3.30
N ILE A 226 20.56 -2.84 3.17
CA ILE A 226 19.98 -3.65 2.09
C ILE A 226 20.37 -3.08 0.72
N PHE A 227 20.26 -1.75 0.51
CA PHE A 227 20.65 -1.14 -0.75
C PHE A 227 22.14 -1.34 -1.03
N GLN A 228 23.01 -1.17 -0.01
CA GLN A 228 24.47 -1.29 -0.18
C GLN A 228 24.89 -2.69 -0.58
N GLU A 229 24.30 -3.71 0.06
CA GLU A 229 24.55 -5.13 -0.17
C GLU A 229 24.07 -5.55 -1.58
N ILE A 230 22.91 -5.04 -2.02
CA ILE A 230 22.38 -5.35 -3.36
C ILE A 230 23.27 -4.70 -4.41
N TYR A 231 23.67 -3.43 -4.20
CA TYR A 231 24.55 -2.69 -5.09
C TYR A 231 25.93 -3.34 -5.24
N ASP A 232 26.62 -3.62 -4.12
CA ASP A 232 27.96 -4.23 -4.11
C ASP A 232 28.00 -5.60 -4.80
N LYS A 233 26.96 -6.42 -4.59
CA LYS A 233 26.87 -7.78 -5.13
C LYS A 233 26.26 -7.92 -6.52
N GLN A 234 25.33 -7.02 -6.92
CA GLN A 234 24.60 -7.20 -8.17
C GLN A 234 24.61 -6.04 -9.16
N TYR A 235 24.87 -4.78 -8.75
CA TYR A 235 24.77 -3.66 -9.69
C TYR A 235 26.01 -2.77 -9.89
N LYS A 236 26.96 -2.76 -8.93
CA LYS A 236 28.15 -1.88 -8.94
C LYS A 236 28.90 -1.80 -10.27
N SER A 237 29.27 -2.96 -10.85
CA SER A 237 30.00 -3.01 -12.13
C SER A 237 29.17 -2.44 -13.29
N GLN A 238 27.84 -2.67 -13.28
CA GLN A 238 26.94 -2.14 -14.30
C GLN A 238 26.90 -0.59 -14.22
N PHE A 239 26.89 -0.03 -12.98
CA PHE A 239 26.88 1.42 -12.74
C PHE A 239 28.21 2.04 -13.23
N GLU A 240 29.33 1.39 -12.90
CA GLU A 240 30.67 1.81 -13.30
C GLU A 240 30.80 1.80 -14.84
N ALA A 241 30.23 0.75 -15.50
CA ALA A 241 30.20 0.62 -16.96
C ALA A 241 29.44 1.77 -17.62
N GLN A 242 28.35 2.25 -16.98
CA GLN A 242 27.56 3.34 -17.54
C GLN A 242 27.99 4.73 -17.05
N LYS A 243 29.13 4.79 -16.31
CA LYS A 243 29.75 6.00 -15.72
C LYS A 243 28.80 6.71 -14.73
N ILE A 244 27.96 5.92 -14.06
CA ILE A 244 27.02 6.37 -13.03
C ILE A 244 27.41 5.74 -11.69
N TRP A 245 26.69 6.09 -10.62
CA TRP A 245 27.02 5.62 -9.27
C TRP A 245 25.77 5.59 -8.40
N TYR A 246 25.89 4.90 -7.26
CA TYR A 246 24.88 4.86 -6.21
C TYR A 246 25.52 5.42 -4.95
N GLU A 247 24.80 6.32 -4.26
CA GLU A 247 25.25 6.86 -2.98
C GLU A 247 24.10 7.05 -2.02
N HIS A 248 24.36 6.79 -0.74
CA HIS A 248 23.39 7.04 0.33
C HIS A 248 23.62 8.48 0.77
N ARG A 249 22.54 9.20 1.11
CA ARG A 249 22.63 10.55 1.65
C ARG A 249 21.70 10.67 2.84
N LEU A 250 22.05 11.49 3.83
CA LEU A 250 21.11 11.79 4.91
C LEU A 250 20.04 12.67 4.28
N ILE A 251 18.77 12.47 4.68
CA ILE A 251 17.63 13.16 4.07
C ILE A 251 17.78 14.69 4.04
N ASP A 252 18.17 15.32 5.16
CA ASP A 252 18.32 16.79 5.19
C ASP A 252 19.43 17.27 4.22
N ASP A 253 20.53 16.52 4.12
CA ASP A 253 21.60 16.83 3.15
C ASP A 253 21.08 16.63 1.72
N MET A 254 20.31 15.52 1.48
CA MET A 254 19.77 15.19 0.16
C MET A 254 18.85 16.28 -0.38
N VAL A 255 17.91 16.79 0.45
CA VAL A 255 16.98 17.80 -0.05
C VAL A 255 17.72 19.07 -0.48
N ALA A 256 18.78 19.45 0.26
CA ALA A 256 19.59 20.62 -0.06
C ALA A 256 20.40 20.33 -1.34
N GLN A 257 21.00 19.12 -1.44
CA GLN A 257 21.75 18.72 -2.63
C GLN A 257 20.84 18.77 -3.87
N ALA A 258 19.59 18.25 -3.74
CA ALA A 258 18.63 18.22 -4.85
C ALA A 258 18.31 19.65 -5.31
N MET A 259 18.04 20.55 -4.35
CA MET A 259 17.74 21.97 -4.57
C MET A 259 18.87 22.66 -5.37
N LYS A 260 20.14 22.35 -5.09
CA LYS A 260 21.23 23.03 -5.80
C LYS A 260 21.78 22.26 -7.01
N SER A 261 21.20 21.10 -7.34
CA SER A 261 21.69 20.30 -8.46
C SER A 261 21.16 20.81 -9.80
N GLU A 262 21.56 20.15 -10.87
CA GLU A 262 21.01 20.41 -12.20
C GLU A 262 20.02 19.29 -12.61
N GLY A 263 19.58 18.50 -11.63
CA GLY A 263 18.69 17.37 -11.88
C GLY A 263 19.48 16.25 -12.51
N GLY A 264 18.79 15.33 -13.18
CA GLY A 264 19.42 14.20 -13.85
C GLY A 264 19.83 13.10 -12.92
N PHE A 265 18.93 12.69 -11.99
CA PHE A 265 19.23 11.60 -11.09
C PHE A 265 17.95 10.92 -10.67
N ILE A 266 18.07 9.72 -10.16
CA ILE A 266 17.00 8.95 -9.56
C ILE A 266 17.15 9.12 -8.05
N TRP A 267 16.03 9.37 -7.37
CA TRP A 267 16.04 9.56 -5.95
C TRP A 267 15.13 8.54 -5.26
N ALA A 268 15.73 7.52 -4.63
CA ALA A 268 15.03 6.52 -3.86
C ALA A 268 14.65 7.15 -2.51
N CYS A 269 13.35 7.25 -2.26
CA CYS A 269 12.76 7.85 -1.07
C CYS A 269 11.95 6.80 -0.33
N LYS A 270 12.02 6.83 1.00
CA LYS A 270 11.16 6.03 1.87
C LYS A 270 9.76 6.61 1.70
N ASN A 271 8.74 5.84 2.04
CA ASN A 271 7.35 6.19 1.82
C ASN A 271 6.98 7.66 2.14
N TYR A 272 7.22 8.10 3.36
CA TYR A 272 6.89 9.47 3.80
C TYR A 272 7.67 10.55 3.02
N ASP A 273 8.99 10.38 2.92
CA ASP A 273 9.84 11.32 2.18
C ASP A 273 9.41 11.42 0.74
N GLY A 274 9.05 10.28 0.14
CA GLY A 274 8.59 10.24 -1.25
C GLY A 274 7.33 11.07 -1.43
N ASP A 275 6.41 10.99 -0.48
CA ASP A 275 5.19 11.80 -0.53
C ASP A 275 5.54 13.31 -0.48
N VAL A 276 6.33 13.72 0.52
CA VAL A 276 6.67 15.12 0.72
C VAL A 276 7.53 15.67 -0.42
N GLN A 277 8.64 15.01 -0.71
CA GLN A 277 9.57 15.52 -1.70
C GLN A 277 9.04 15.47 -3.15
N SER A 278 8.07 14.57 -3.46
CA SER A 278 7.53 14.51 -4.82
C SER A 278 6.75 15.75 -5.14
N ASP A 279 6.01 16.29 -4.14
CA ASP A 279 5.28 17.54 -4.30
C ASP A 279 6.22 18.75 -4.33
N SER A 280 7.31 18.73 -3.56
CA SER A 280 8.32 19.82 -3.57
C SER A 280 8.98 19.88 -4.96
N VAL A 281 9.42 18.73 -5.48
CA VAL A 281 10.05 18.61 -6.79
C VAL A 281 9.06 18.99 -7.95
N ALA A 282 7.80 18.48 -7.90
CA ALA A 282 6.80 18.81 -8.93
C ALA A 282 6.59 20.32 -8.95
N GLN A 283 6.47 20.96 -7.77
CA GLN A 283 6.30 22.42 -7.71
C GLN A 283 7.54 23.16 -8.23
N GLY A 284 8.72 22.65 -7.90
CA GLY A 284 9.99 23.21 -8.34
C GLY A 284 10.10 23.30 -9.85
N TYR A 285 9.57 22.26 -10.56
CA TYR A 285 9.58 22.23 -12.03
C TYR A 285 8.57 23.18 -12.65
N GLY A 286 7.65 23.71 -11.86
CA GLY A 286 6.73 24.72 -12.34
C GLY A 286 5.32 24.59 -11.84
N SER A 287 4.80 23.37 -11.78
CA SER A 287 3.41 23.19 -11.40
C SER A 287 3.21 21.88 -10.68
N LEU A 288 2.52 21.96 -9.54
CA LEU A 288 2.24 20.81 -8.68
C LEU A 288 1.46 19.74 -9.47
N GLY A 289 0.46 20.18 -10.23
CA GLY A 289 -0.41 19.32 -11.01
C GLY A 289 0.20 18.68 -12.25
N MET A 290 1.47 18.98 -12.55
CA MET A 290 2.12 18.44 -13.74
C MET A 290 3.10 17.36 -13.34
N MET A 291 2.59 16.19 -12.97
CA MET A 291 3.44 15.10 -12.52
C MET A 291 2.79 13.75 -12.85
N THR A 292 3.61 12.76 -13.23
CA THR A 292 3.16 11.38 -13.46
C THR A 292 3.43 10.62 -12.16
N SER A 293 2.66 9.59 -11.88
CA SER A 293 2.86 8.81 -10.67
C SER A 293 2.43 7.37 -10.99
N VAL A 294 3.38 6.46 -11.05
CA VAL A 294 3.12 5.08 -11.45
C VAL A 294 3.71 4.13 -10.43
N LEU A 295 2.84 3.36 -9.79
CA LEU A 295 3.26 2.30 -8.87
C LEU A 295 3.73 1.12 -9.75
N VAL A 296 4.96 0.67 -9.54
CA VAL A 296 5.56 -0.47 -10.26
C VAL A 296 5.66 -1.57 -9.21
N CYS A 297 4.85 -2.65 -9.36
CA CYS A 297 4.79 -3.72 -8.37
C CYS A 297 5.98 -4.69 -8.43
N PRO A 298 6.28 -5.43 -7.33
CA PRO A 298 7.45 -6.33 -7.34
C PRO A 298 7.46 -7.48 -8.35
N ASP A 299 6.29 -7.87 -8.89
CA ASP A 299 6.21 -8.95 -9.89
C ASP A 299 6.83 -8.57 -11.25
N GLY A 300 7.07 -7.28 -11.47
CA GLY A 300 7.62 -6.73 -12.71
C GLY A 300 6.64 -6.79 -13.87
N LYS A 301 5.34 -6.89 -13.56
CA LYS A 301 4.28 -7.03 -14.56
C LYS A 301 3.09 -6.13 -14.24
N THR A 302 2.87 -5.84 -12.97
CA THR A 302 1.71 -5.06 -12.51
C THR A 302 2.06 -3.59 -12.25
N VAL A 303 1.17 -2.68 -12.72
CA VAL A 303 1.33 -1.25 -12.47
C VAL A 303 -0.02 -0.66 -12.08
N GLU A 304 0.03 0.48 -11.42
CA GLU A 304 -1.12 1.30 -11.12
C GLU A 304 -0.67 2.75 -11.36
N ALA A 305 -1.24 3.41 -12.40
CA ALA A 305 -0.92 4.79 -12.72
C ALA A 305 -2.00 5.64 -12.07
N GLU A 306 -1.63 6.82 -11.54
CA GLU A 306 -2.62 7.66 -10.86
C GLU A 306 -2.39 9.15 -11.04
N ALA A 307 -3.42 9.95 -10.73
CA ALA A 307 -3.29 11.41 -10.64
C ALA A 307 -3.04 11.58 -9.11
N ALA A 308 -1.81 11.97 -8.74
CA ALA A 308 -1.34 12.07 -7.35
C ALA A 308 -1.73 13.35 -6.58
N HIS A 309 -2.36 14.34 -7.27
CA HIS A 309 -2.77 15.61 -6.68
C HIS A 309 -4.16 15.50 -6.06
N GLY A 310 -4.67 16.60 -5.52
CA GLY A 310 -6.00 16.63 -4.90
C GLY A 310 -7.17 16.59 -5.87
N THR A 311 -8.38 16.64 -5.30
CA THR A 311 -9.65 16.56 -6.04
C THR A 311 -10.15 17.94 -6.46
N VAL A 312 -9.36 19.00 -6.18
CA VAL A 312 -9.62 20.39 -6.58
C VAL A 312 -11.01 20.86 -6.08
N THR A 313 -11.23 20.77 -4.76
CA THR A 313 -12.51 21.12 -4.12
C THR A 313 -13.01 22.52 -4.50
N ARG A 314 -12.13 23.55 -4.51
CA ARG A 314 -12.54 24.92 -4.83
C ARG A 314 -13.17 25.01 -6.23
N HIS A 315 -12.59 24.32 -7.23
CA HIS A 315 -13.18 24.31 -8.58
C HIS A 315 -14.50 23.55 -8.57
N TYR A 316 -14.57 22.45 -7.81
CA TYR A 316 -15.79 21.66 -7.68
C TYR A 316 -16.95 22.48 -7.09
N ARG A 317 -16.66 23.32 -6.07
CA ARG A 317 -17.67 24.19 -5.45
C ARG A 317 -18.20 25.20 -6.46
N MET A 318 -17.30 25.76 -7.31
CA MET A 318 -17.67 26.69 -8.38
C MET A 318 -18.55 25.96 -9.39
N TYR A 319 -18.17 24.71 -9.77
CA TYR A 319 -18.94 23.86 -10.69
C TYR A 319 -20.35 23.61 -10.14
N GLN A 320 -20.47 23.30 -8.83
CA GLN A 320 -21.76 23.05 -8.16
C GLN A 320 -22.70 24.28 -8.22
N LYS A 321 -22.12 25.49 -8.24
CA LYS A 321 -22.83 26.77 -8.29
C LYS A 321 -23.12 27.22 -9.74
N GLY A 322 -22.83 26.34 -10.71
CA GLY A 322 -23.03 26.61 -12.13
C GLY A 322 -22.05 27.63 -12.70
N GLN A 323 -20.92 27.87 -12.00
CA GLN A 323 -19.90 28.80 -12.45
C GLN A 323 -18.91 28.11 -13.37
N GLU A 324 -18.30 28.86 -14.29
CA GLU A 324 -17.30 28.36 -15.22
C GLU A 324 -16.04 27.99 -14.42
N THR A 325 -15.38 26.87 -14.78
CA THR A 325 -14.13 26.44 -14.13
C THR A 325 -13.11 26.12 -15.19
N SER A 326 -11.84 26.15 -14.81
CA SER A 326 -10.73 25.88 -15.72
C SER A 326 -9.66 25.09 -14.94
N THR A 327 -9.77 23.72 -14.96
CA THR A 327 -8.89 22.81 -14.20
C THR A 327 -7.97 22.01 -15.09
N ASN A 328 -6.68 21.99 -14.75
CA ASN A 328 -5.66 21.25 -15.47
C ASN A 328 -5.94 19.73 -15.45
N PRO A 329 -6.27 19.11 -16.61
CA PRO A 329 -6.55 17.66 -16.62
C PRO A 329 -5.34 16.80 -16.97
N ILE A 330 -4.17 17.40 -17.16
CA ILE A 330 -2.99 16.68 -17.67
C ILE A 330 -2.55 15.50 -16.82
N ALA A 331 -2.44 15.64 -15.48
CA ALA A 331 -2.02 14.49 -14.65
C ALA A 331 -3.01 13.33 -14.81
N SER A 332 -4.32 13.64 -14.87
CA SER A 332 -5.36 12.63 -15.02
C SER A 332 -5.24 11.94 -16.41
N ILE A 333 -4.87 12.71 -17.45
CA ILE A 333 -4.65 12.17 -18.80
C ILE A 333 -3.45 11.23 -18.79
N PHE A 334 -2.38 11.65 -18.14
CA PHE A 334 -1.14 10.83 -18.10
C PHE A 334 -1.31 9.58 -17.24
N ALA A 335 -2.27 9.55 -16.30
CA ALA A 335 -2.55 8.32 -15.55
C ALA A 335 -3.07 7.28 -16.62
N TRP A 336 -3.98 7.72 -17.51
CA TRP A 336 -4.50 6.86 -18.60
C TRP A 336 -3.42 6.48 -19.59
N THR A 337 -2.63 7.45 -20.07
CA THR A 337 -1.59 7.11 -21.07
C THR A 337 -0.51 6.20 -20.52
N ARG A 338 -0.12 6.37 -19.24
CA ARG A 338 0.90 5.52 -18.63
C ARG A 338 0.33 4.12 -18.40
N GLY A 339 -0.92 4.03 -17.97
CA GLY A 339 -1.58 2.74 -17.82
C GLY A 339 -1.72 2.03 -19.16
N LEU A 340 -2.22 2.74 -20.20
CA LEU A 340 -2.38 2.18 -21.57
C LEU A 340 -1.05 1.78 -22.20
N ALA A 341 0.03 2.56 -21.95
CA ALA A 341 1.37 2.23 -22.47
C ALA A 341 1.89 0.94 -21.81
N HIS A 342 1.58 0.70 -20.51
CA HIS A 342 2.01 -0.55 -19.85
C HIS A 342 1.19 -1.75 -20.38
N ARG A 343 -0.13 -1.56 -20.52
CA ARG A 343 -1.04 -2.54 -21.10
C ARG A 343 -0.52 -2.98 -22.49
N ALA A 344 -0.11 -2.00 -23.33
CA ALA A 344 0.42 -2.20 -24.67
C ALA A 344 1.74 -2.99 -24.64
N LYS A 345 2.62 -2.73 -23.65
CA LYS A 345 3.88 -3.44 -23.48
C LYS A 345 3.62 -4.90 -23.10
N LEU A 346 2.65 -5.15 -22.19
CA LEU A 346 2.30 -6.50 -21.78
C LEU A 346 1.71 -7.32 -22.94
N ASP A 347 0.88 -6.69 -23.76
CA ASP A 347 0.15 -7.31 -24.87
C ASP A 347 0.86 -7.23 -26.22
N ASN A 348 2.04 -6.58 -26.28
CA ASN A 348 2.81 -6.32 -27.51
C ASN A 348 1.86 -5.70 -28.56
N ASN A 349 1.09 -4.70 -28.12
CA ASN A 349 0.09 -4.01 -28.92
C ASN A 349 0.68 -2.69 -29.37
N LYS A 350 1.24 -2.67 -30.60
CA LYS A 350 1.90 -1.49 -31.17
C LYS A 350 0.93 -0.36 -31.40
N GLU A 351 -0.30 -0.67 -31.79
CA GLU A 351 -1.35 0.32 -32.08
C GLU A 351 -1.68 1.10 -30.78
N LEU A 352 -1.84 0.38 -29.65
CA LEU A 352 -2.15 1.00 -28.34
C LEU A 352 -0.96 1.81 -27.82
N ALA A 353 0.27 1.30 -28.01
CA ALA A 353 1.49 1.99 -27.62
C ALA A 353 1.62 3.31 -28.39
N PHE A 354 1.26 3.30 -29.70
CA PHE A 354 1.31 4.49 -30.54
C PHE A 354 0.30 5.50 -30.03
N PHE A 355 -0.93 5.05 -29.78
CA PHE A 355 -2.01 5.89 -29.26
C PHE A 355 -1.61 6.59 -27.94
N ALA A 356 -1.14 5.81 -26.93
CA ALA A 356 -0.77 6.32 -25.59
C ALA A 356 0.29 7.44 -25.73
N ASN A 357 1.33 7.21 -26.56
CA ASN A 357 2.37 8.21 -26.82
C ASN A 357 1.82 9.44 -27.55
N ALA A 358 0.94 9.25 -28.57
CA ALA A 358 0.35 10.36 -29.33
C ALA A 358 -0.45 11.28 -28.42
N LEU A 359 -1.22 10.71 -27.46
CA LEU A 359 -2.03 11.52 -26.55
C LEU A 359 -1.12 12.36 -25.60
N GLU A 360 0.02 11.81 -25.15
CA GLU A 360 0.98 12.55 -24.32
C GLU A 360 1.57 13.69 -25.14
N GLU A 361 1.95 13.42 -26.40
CA GLU A 361 2.52 14.44 -27.31
C GLU A 361 1.52 15.57 -27.56
N VAL A 362 0.27 15.22 -27.84
CA VAL A 362 -0.80 16.19 -28.08
C VAL A 362 -0.98 17.11 -26.87
N SER A 363 -0.97 16.51 -25.65
CA SER A 363 -1.16 17.24 -24.39
C SER A 363 -0.08 18.30 -24.22
N ILE A 364 1.20 17.91 -24.42
CA ILE A 364 2.35 18.81 -24.29
C ILE A 364 2.34 19.86 -25.38
N GLU A 365 2.12 19.44 -26.65
CA GLU A 365 2.11 20.36 -27.79
C GLU A 365 1.02 21.42 -27.65
N THR A 366 -0.15 21.05 -27.11
CA THR A 366 -1.27 21.98 -26.95
C THR A 366 -0.88 23.11 -25.96
N ILE A 367 -0.34 22.73 -24.78
CA ILE A 367 0.08 23.70 -23.77
C ILE A 367 1.23 24.57 -24.30
N GLU A 368 2.24 23.96 -24.91
CA GLU A 368 3.37 24.68 -25.48
C GLU A 368 2.97 25.66 -26.60
N ALA A 369 1.81 25.44 -27.25
CA ALA A 369 1.27 26.32 -28.29
C ALA A 369 0.47 27.47 -27.66
N GLY A 370 0.40 27.49 -26.32
CA GLY A 370 -0.29 28.56 -25.59
C GLY A 370 -1.75 28.35 -25.24
N PHE A 371 -2.26 27.11 -25.40
CA PHE A 371 -3.65 26.78 -25.05
C PHE A 371 -3.59 26.02 -23.74
N MET A 372 -4.20 26.57 -22.68
CA MET A 372 -4.11 25.96 -21.35
C MET A 372 -5.23 26.46 -20.47
N THR A 373 -5.32 25.86 -19.28
CA THR A 373 -6.32 26.19 -18.25
C THR A 373 -5.77 27.36 -17.40
N LYS A 374 -6.66 28.03 -16.64
CA LYS A 374 -6.37 29.21 -15.81
C LYS A 374 -5.22 28.97 -14.84
N ASP A 375 -5.19 27.78 -14.18
CA ASP A 375 -4.16 27.41 -13.21
C ASP A 375 -2.77 27.43 -13.86
N LEU A 376 -2.65 26.94 -15.09
CA LEU A 376 -1.35 26.96 -15.80
C LEU A 376 -1.03 28.35 -16.34
N ALA A 377 -2.05 29.09 -16.80
CA ALA A 377 -1.83 30.47 -17.30
C ALA A 377 -1.29 31.34 -16.13
N ALA A 378 -1.79 31.09 -14.89
CA ALA A 378 -1.32 31.80 -13.69
C ALA A 378 0.16 31.52 -13.39
N CYS A 379 0.69 30.31 -13.73
CA CYS A 379 2.11 30.00 -13.56
C CYS A 379 2.97 30.92 -14.40
N ILE A 380 2.49 31.28 -15.62
CA ILE A 380 3.25 32.11 -16.56
C ILE A 380 3.10 33.60 -16.24
N LYS A 381 1.86 34.08 -16.04
CA LYS A 381 1.58 35.50 -15.87
C LYS A 381 1.43 36.02 -14.46
N GLY A 382 1.10 35.13 -13.53
CA GLY A 382 0.77 35.49 -12.16
C GLY A 382 -0.73 35.67 -12.16
N LEU A 383 -1.42 35.04 -11.19
CA LEU A 383 -2.90 35.08 -11.12
C LEU A 383 -3.51 36.50 -11.22
N PRO A 384 -2.98 37.59 -10.59
CA PRO A 384 -3.64 38.91 -10.74
C PRO A 384 -3.63 39.48 -12.16
N ASN A 385 -2.76 38.96 -13.04
CA ASN A 385 -2.59 39.40 -14.43
C ASN A 385 -3.34 38.53 -15.44
N VAL A 386 -4.00 37.46 -14.98
CA VAL A 386 -4.71 36.55 -15.87
C VAL A 386 -6.07 37.13 -16.26
N GLN A 387 -6.34 37.19 -17.57
CA GLN A 387 -7.61 37.63 -18.15
C GLN A 387 -8.27 36.42 -18.79
N ARG A 388 -9.58 36.49 -19.06
CA ARG A 388 -10.34 35.40 -19.69
C ARG A 388 -9.76 34.94 -21.03
N SER A 389 -9.15 35.86 -21.79
CA SER A 389 -8.50 35.57 -23.07
C SER A 389 -7.22 34.72 -22.95
N ASP A 390 -6.66 34.59 -21.72
CA ASP A 390 -5.42 33.83 -21.49
C ASP A 390 -5.62 32.33 -21.32
N TYR A 391 -6.86 31.88 -21.19
CA TYR A 391 -7.09 30.47 -20.95
C TYR A 391 -8.38 29.94 -21.53
N LEU A 392 -8.51 28.61 -21.49
CA LEU A 392 -9.70 27.90 -21.94
C LEU A 392 -10.34 27.28 -20.71
N ASN A 393 -11.67 27.20 -20.67
CA ASN A 393 -12.32 26.52 -19.55
C ASN A 393 -12.07 25.01 -19.72
N THR A 394 -12.45 24.19 -18.72
CA THR A 394 -12.18 22.75 -18.78
C THR A 394 -12.76 22.08 -20.04
N PHE A 395 -14.03 22.38 -20.42
CA PHE A 395 -14.67 21.79 -21.62
C PHE A 395 -13.95 22.23 -22.89
N GLU A 396 -13.65 23.55 -23.02
CA GLU A 396 -12.92 24.09 -24.18
C GLU A 396 -11.55 23.46 -24.31
N PHE A 397 -10.86 23.28 -23.18
CA PHE A 397 -9.52 22.70 -23.21
C PHE A 397 -9.57 21.25 -23.63
N MET A 398 -10.53 20.47 -23.10
CA MET A 398 -10.72 19.05 -23.45
C MET A 398 -11.09 18.92 -24.96
N ASP A 399 -11.92 19.88 -25.48
CA ASP A 399 -12.30 19.92 -26.90
C ASP A 399 -11.08 20.19 -27.77
N LYS A 400 -10.19 21.11 -27.33
CA LYS A 400 -8.97 21.47 -28.05
C LYS A 400 -8.05 20.25 -28.14
N LEU A 401 -7.88 19.54 -27.01
CA LEU A 401 -7.06 18.33 -26.96
C LEU A 401 -7.63 17.26 -27.89
N GLY A 402 -8.95 17.08 -27.86
CA GLY A 402 -9.68 16.09 -28.68
C GLY A 402 -9.49 16.38 -30.18
N GLU A 403 -9.57 17.67 -30.56
CA GLU A 403 -9.35 18.14 -31.94
C GLU A 403 -7.90 17.86 -32.35
N ASN A 404 -6.94 18.21 -31.49
CA ASN A 404 -5.53 17.96 -31.76
C ASN A 404 -5.20 16.47 -31.82
N LEU A 405 -5.89 15.65 -31.02
CA LEU A 405 -5.66 14.21 -31.02
C LEU A 405 -6.21 13.62 -32.33
N LYS A 406 -7.43 14.01 -32.72
CA LYS A 406 -8.04 13.52 -33.98
C LYS A 406 -7.08 13.82 -35.16
N ILE A 407 -6.53 15.06 -35.21
CA ILE A 407 -5.57 15.50 -36.24
C ILE A 407 -4.30 14.66 -36.21
N LYS A 408 -3.66 14.49 -35.04
CA LYS A 408 -2.43 13.68 -34.92
C LYS A 408 -2.64 12.24 -35.40
N LEU A 409 -3.76 11.61 -35.00
CA LEU A 409 -4.10 10.24 -35.37
C LEU A 409 -4.42 10.11 -36.87
N ALA A 410 -5.18 11.09 -37.43
CA ALA A 410 -5.51 11.13 -38.86
C ALA A 410 -4.26 11.25 -39.72
N GLN A 411 -3.29 12.08 -39.30
CA GLN A 411 -2.01 12.27 -40.01
C GLN A 411 -1.12 11.04 -39.93
N ALA A 412 -1.17 10.32 -38.80
CA ALA A 412 -0.41 9.09 -38.58
C ALA A 412 -0.92 8.00 -39.54
N LYS A 413 -2.26 7.93 -39.74
CA LYS A 413 -2.92 6.99 -40.66
C LYS A 413 -2.53 7.28 -42.12
N LEU A 414 -2.44 8.57 -42.48
CA LEU A 414 -2.04 9.03 -43.81
C LEU A 414 -0.56 8.80 -44.08
N SER A 415 0.28 8.83 -43.02
CA SER A 415 1.73 8.60 -43.11
C SER A 415 2.08 7.11 -43.35
N LEU A 416 1.07 6.21 -43.29
CA LEU A 416 1.19 4.77 -43.50
C LEU A 416 1.44 4.43 -44.97
N GLU A 417 2.27 3.41 -45.22
CA GLU A 417 2.58 2.90 -46.56
C GLU A 417 1.80 1.61 -46.83
N HIS A 418 1.30 1.46 -48.08
CA HIS A 418 0.51 0.31 -48.54
C HIS A 418 1.32 -0.98 -48.55
N LYS B 3 1.68 -28.16 16.42
CA LYS B 3 2.08 -29.41 15.75
C LYS B 3 1.02 -29.84 14.70
N LYS B 4 -0.27 -29.77 15.04
CA LYS B 4 -1.37 -30.03 14.11
C LYS B 4 -1.77 -28.67 13.54
N ILE B 5 -2.41 -28.66 12.36
CA ILE B 5 -2.90 -27.44 11.71
C ILE B 5 -4.23 -27.06 12.38
N SER B 6 -4.43 -25.76 12.62
CA SER B 6 -5.68 -25.24 13.18
C SER B 6 -6.61 -25.05 11.96
N GLY B 7 -7.52 -25.99 11.77
CA GLY B 7 -8.40 -26.08 10.62
C GLY B 7 -9.62 -25.18 10.55
N GLY B 8 -10.18 -24.80 11.68
CA GLY B 8 -11.37 -23.97 11.69
C GLY B 8 -12.66 -24.78 11.65
N SER B 9 -13.77 -24.12 11.34
CA SER B 9 -15.11 -24.70 11.37
C SER B 9 -15.50 -25.42 10.08
N VAL B 10 -15.89 -26.69 10.20
CA VAL B 10 -16.32 -27.53 9.06
C VAL B 10 -17.55 -28.32 9.47
N VAL B 11 -18.55 -28.35 8.59
CA VAL B 11 -19.77 -29.15 8.79
C VAL B 11 -19.54 -30.47 8.06
N GLU B 12 -19.63 -31.59 8.77
CA GLU B 12 -19.49 -32.88 8.10
C GLU B 12 -20.80 -33.61 8.14
N MET B 13 -21.12 -34.30 7.04
CA MET B 13 -22.34 -35.08 6.97
C MET B 13 -21.97 -36.52 6.72
N GLN B 14 -22.23 -37.38 7.70
CA GLN B 14 -21.96 -38.81 7.60
C GLN B 14 -23.01 -39.46 6.72
N GLY B 15 -22.65 -40.54 6.04
CA GLY B 15 -23.54 -41.19 5.10
C GLY B 15 -23.86 -42.64 5.34
N ASP B 16 -23.96 -43.40 4.24
CA ASP B 16 -24.42 -44.76 4.29
C ASP B 16 -23.48 -45.81 3.74
N GLU B 17 -23.70 -47.05 4.23
CA GLU B 17 -23.10 -48.28 3.77
C GLU B 17 -21.58 -48.22 3.64
N MET B 18 -21.01 -48.61 2.46
CA MET B 18 -19.55 -48.68 2.32
C MET B 18 -18.86 -47.34 2.48
N THR B 19 -19.46 -46.29 1.91
CA THR B 19 -18.90 -44.96 1.98
C THR B 19 -18.88 -44.45 3.43
N ARG B 20 -19.83 -44.89 4.27
CA ARG B 20 -19.82 -44.49 5.70
C ARG B 20 -18.55 -45.06 6.40
N ILE B 21 -18.21 -46.32 6.09
CA ILE B 21 -17.01 -46.98 6.65
C ILE B 21 -15.74 -46.25 6.17
N ILE B 22 -15.68 -45.98 4.86
CA ILE B 22 -14.55 -45.26 4.26
C ILE B 22 -14.38 -43.85 4.83
N TRP B 23 -15.48 -43.13 5.06
CA TRP B 23 -15.50 -41.78 5.62
C TRP B 23 -14.77 -41.74 6.99
N GLU B 24 -15.05 -42.73 7.85
CA GLU B 24 -14.42 -42.87 9.17
C GLU B 24 -12.92 -43.15 9.04
N LEU B 25 -12.54 -44.04 8.08
CA LEU B 25 -11.12 -44.34 7.80
C LEU B 25 -10.38 -43.10 7.33
N ILE B 26 -11.03 -42.27 6.48
CA ILE B 26 -10.43 -41.02 6.00
C ILE B 26 -10.12 -40.07 7.17
N LYS B 27 -11.11 -39.84 8.04
CA LYS B 27 -10.94 -38.95 9.18
C LYS B 27 -9.83 -39.48 10.12
N GLU B 28 -9.87 -40.77 10.42
CA GLU B 28 -8.92 -41.47 11.30
C GLU B 28 -7.49 -41.43 10.78
N LYS B 29 -7.28 -41.80 9.52
CA LYS B 29 -5.95 -41.94 8.97
C LYS B 29 -5.39 -40.74 8.24
N LEU B 30 -6.25 -39.91 7.64
CA LEU B 30 -5.73 -38.83 6.80
C LEU B 30 -5.96 -37.43 7.29
N ILE B 31 -7.04 -37.19 8.02
CA ILE B 31 -7.35 -35.82 8.43
C ILE B 31 -6.96 -35.51 9.89
N PHE B 32 -7.57 -36.24 10.86
CA PHE B 32 -7.38 -36.03 12.29
C PHE B 32 -5.93 -36.08 12.77
N PRO B 33 -5.01 -36.93 12.22
CA PRO B 33 -3.62 -36.88 12.70
C PRO B 33 -2.91 -35.56 12.38
N TYR B 34 -3.43 -34.75 11.43
CA TYR B 34 -2.76 -33.52 10.99
C TYR B 34 -3.50 -32.24 11.14
N VAL B 35 -4.82 -32.31 11.30
CA VAL B 35 -5.66 -31.13 11.34
C VAL B 35 -6.59 -31.22 12.53
N GLU B 36 -6.69 -30.13 13.29
CA GLU B 36 -7.59 -30.00 14.41
C GLU B 36 -8.74 -29.16 13.85
N LEU B 37 -9.97 -29.67 13.96
CA LEU B 37 -11.11 -28.92 13.42
C LEU B 37 -12.15 -28.68 14.47
N ASP B 38 -12.93 -27.60 14.27
CA ASP B 38 -14.14 -27.33 15.01
C ASP B 38 -15.19 -28.02 14.10
N LEU B 39 -15.38 -29.32 14.31
CA LEU B 39 -16.21 -30.15 13.45
C LEU B 39 -17.68 -30.21 13.92
N HIS B 40 -18.63 -29.82 13.04
CA HIS B 40 -20.06 -29.86 13.37
C HIS B 40 -20.60 -31.08 12.62
N SER B 41 -20.80 -32.18 13.34
CA SER B 41 -21.17 -33.45 12.74
C SER B 41 -22.65 -33.71 12.69
N TYR B 42 -23.14 -34.08 11.51
CA TYR B 42 -24.53 -34.43 11.28
C TYR B 42 -24.57 -35.81 10.69
N ASP B 43 -25.31 -36.71 11.32
CA ASP B 43 -25.38 -38.06 10.81
C ASP B 43 -26.53 -38.16 9.79
N LEU B 44 -26.17 -38.19 8.47
CA LEU B 44 -27.16 -38.33 7.40
C LEU B 44 -27.32 -39.79 6.97
N GLY B 45 -26.95 -40.70 7.86
CA GLY B 45 -27.19 -42.12 7.63
C GLY B 45 -28.69 -42.31 7.55
N ILE B 46 -29.19 -43.28 6.75
CA ILE B 46 -30.62 -43.49 6.54
C ILE B 46 -31.40 -43.73 7.87
N GLU B 47 -30.79 -44.42 8.84
CA GLU B 47 -31.35 -44.71 10.17
C GLU B 47 -31.57 -43.43 10.96
N ASN B 48 -30.61 -42.49 10.90
CA ASN B 48 -30.76 -41.23 11.59
C ASN B 48 -31.71 -40.26 10.92
N ARG B 49 -31.76 -40.25 9.56
CA ARG B 49 -32.75 -39.43 8.85
C ARG B 49 -34.15 -39.96 9.21
N ASP B 50 -34.33 -41.29 9.27
CA ASP B 50 -35.62 -41.87 9.65
C ASP B 50 -36.03 -41.49 11.08
N ALA B 51 -35.09 -41.61 12.04
CA ALA B 51 -35.29 -41.28 13.45
C ALA B 51 -35.65 -39.82 13.69
N THR B 52 -35.09 -38.88 12.89
CA THR B 52 -35.36 -37.44 13.04
C THR B 52 -36.41 -36.93 12.07
N ASN B 53 -37.09 -37.84 11.33
CA ASN B 53 -38.08 -37.46 10.30
C ASN B 53 -37.47 -36.51 9.26
N ASP B 54 -36.20 -36.81 8.88
CA ASP B 54 -35.41 -36.04 7.91
C ASP B 54 -35.00 -34.66 8.40
N GLN B 55 -35.21 -34.34 9.69
CA GLN B 55 -34.84 -33.02 10.22
C GLN B 55 -33.33 -32.79 10.22
N VAL B 56 -32.56 -33.86 10.48
CA VAL B 56 -31.09 -33.77 10.50
C VAL B 56 -30.54 -33.19 9.17
N THR B 57 -31.20 -33.53 8.02
CA THR B 57 -30.80 -33.06 6.70
C THR B 57 -30.92 -31.55 6.63
N LYS B 58 -32.08 -31.01 7.08
CA LYS B 58 -32.34 -29.56 7.09
C LYS B 58 -31.41 -28.85 8.05
N ASP B 59 -31.14 -29.45 9.23
CA ASP B 59 -30.22 -28.89 10.23
C ASP B 59 -28.81 -28.80 9.65
N ALA B 60 -28.37 -29.85 8.93
CA ALA B 60 -27.03 -29.85 8.32
C ALA B 60 -26.91 -28.72 7.30
N ALA B 61 -27.95 -28.51 6.45
CA ALA B 61 -27.97 -27.45 5.43
C ALA B 61 -27.85 -26.07 6.11
N GLU B 62 -28.62 -25.85 7.18
CA GLU B 62 -28.56 -24.60 7.97
C GLU B 62 -27.18 -24.39 8.61
N ALA B 63 -26.51 -25.47 9.05
CA ALA B 63 -25.16 -25.38 9.62
C ALA B 63 -24.16 -24.98 8.55
N ILE B 64 -24.35 -25.45 7.30
CA ILE B 64 -23.46 -25.07 6.18
C ILE B 64 -23.63 -23.57 5.90
N LYS B 65 -24.86 -23.05 5.92
CA LYS B 65 -25.11 -21.61 5.70
C LYS B 65 -24.34 -20.80 6.77
N LYS B 66 -24.36 -21.27 8.02
CA LYS B 66 -23.71 -20.63 9.15
C LYS B 66 -22.17 -20.70 9.08
N HIS B 67 -21.60 -21.90 8.87
CA HIS B 67 -20.16 -22.12 8.91
C HIS B 67 -19.41 -22.06 7.56
N ASN B 68 -20.16 -21.97 6.44
CA ASN B 68 -19.69 -21.78 5.04
C ASN B 68 -18.99 -22.97 4.40
N VAL B 69 -18.71 -24.06 5.13
CA VAL B 69 -18.10 -25.20 4.45
C VAL B 69 -18.70 -26.49 4.99
N GLY B 70 -19.16 -27.31 4.04
CA GLY B 70 -19.74 -28.64 4.26
C GLY B 70 -18.96 -29.67 3.47
N VAL B 71 -18.81 -30.86 4.04
CA VAL B 71 -18.17 -32.01 3.39
C VAL B 71 -19.15 -33.15 3.62
N LYS B 72 -19.65 -33.73 2.53
CA LYS B 72 -20.70 -34.75 2.62
C LYS B 72 -20.32 -36.11 2.07
N CYS B 73 -20.67 -37.13 2.85
CA CYS B 73 -20.49 -38.53 2.49
C CYS B 73 -21.67 -38.97 1.61
N ALA B 74 -21.46 -39.92 0.67
CA ALA B 74 -22.55 -40.47 -0.16
C ALA B 74 -23.65 -41.06 0.75
N THR B 75 -24.91 -40.77 0.40
CA THR B 75 -26.09 -41.24 1.14
C THR B 75 -27.05 -42.05 0.26
N ILE B 76 -27.96 -42.79 0.91
CA ILE B 76 -29.01 -43.57 0.23
C ILE B 76 -30.21 -42.65 0.01
N THR B 77 -30.76 -42.62 -1.24
CA THR B 77 -32.05 -41.98 -1.53
C THR B 77 -33.01 -43.18 -1.60
N PRO B 78 -33.88 -43.35 -0.58
CA PRO B 78 -34.69 -44.57 -0.53
C PRO B 78 -35.78 -44.70 -1.56
N ASP B 79 -35.93 -45.94 -2.04
CA ASP B 79 -37.00 -46.36 -2.94
C ASP B 79 -37.83 -47.37 -2.12
N GLU B 80 -38.77 -48.08 -2.75
CA GLU B 80 -39.64 -49.07 -2.11
C GLU B 80 -38.85 -50.17 -1.40
N LYS B 81 -37.78 -50.68 -2.03
CA LYS B 81 -36.94 -51.73 -1.42
C LYS B 81 -36.23 -51.27 -0.15
N ARG B 82 -35.73 -50.01 -0.13
CA ARG B 82 -35.07 -49.46 1.06
C ARG B 82 -36.05 -49.24 2.19
N VAL B 83 -37.30 -48.83 1.87
CA VAL B 83 -38.37 -48.66 2.86
C VAL B 83 -38.57 -50.02 3.56
N GLU B 84 -38.62 -51.12 2.78
CA GLU B 84 -38.77 -52.48 3.35
C GLU B 84 -37.55 -52.91 4.17
N GLU B 85 -36.34 -52.71 3.63
CA GLU B 85 -35.07 -53.07 4.26
C GLU B 85 -34.85 -52.37 5.60
N PHE B 86 -35.08 -51.06 5.66
CA PHE B 86 -34.83 -50.30 6.88
C PHE B 86 -36.07 -50.03 7.73
N LYS B 87 -37.25 -50.53 7.31
CA LYS B 87 -38.54 -50.34 7.99
C LYS B 87 -38.77 -48.83 8.18
N LEU B 88 -38.63 -48.05 7.08
CA LEU B 88 -38.73 -46.61 7.14
C LEU B 88 -40.17 -46.15 7.32
N LYS B 89 -40.36 -44.99 7.99
CA LYS B 89 -41.68 -44.39 8.23
C LYS B 89 -42.22 -43.79 6.94
N GLN B 90 -41.31 -43.26 6.10
CA GLN B 90 -41.62 -42.61 4.83
C GLN B 90 -40.50 -42.88 3.82
N MET B 91 -40.79 -42.72 2.54
CA MET B 91 -39.80 -42.83 1.47
C MET B 91 -39.14 -41.44 1.37
N TRP B 92 -38.21 -41.16 2.28
CA TRP B 92 -37.53 -39.87 2.43
C TRP B 92 -36.96 -39.35 1.13
N LYS B 93 -37.05 -38.04 0.91
CA LYS B 93 -36.55 -37.42 -0.31
C LYS B 93 -35.03 -37.43 -0.30
N SER B 94 -34.44 -37.33 -1.48
CA SER B 94 -32.99 -37.24 -1.61
C SER B 94 -32.42 -36.17 -0.67
N PRO B 95 -31.44 -36.52 0.20
CA PRO B 95 -30.82 -35.48 1.07
C PRO B 95 -30.01 -34.48 0.27
N ASN B 96 -29.43 -34.92 -0.89
CA ASN B 96 -28.67 -34.03 -1.78
C ASN B 96 -29.61 -32.96 -2.37
N GLY B 97 -30.78 -33.40 -2.84
CA GLY B 97 -31.81 -32.51 -3.35
C GLY B 97 -32.22 -31.49 -2.29
N THR B 98 -32.45 -31.95 -1.05
CA THR B 98 -32.84 -31.07 0.08
C THR B 98 -31.79 -30.02 0.38
N ILE B 99 -30.52 -30.44 0.52
CA ILE B 99 -29.42 -29.52 0.82
C ILE B 99 -29.22 -28.51 -0.31
N ARG B 100 -29.18 -29.00 -1.58
CA ARG B 100 -28.96 -28.13 -2.74
C ARG B 100 -30.10 -27.15 -2.90
N ASN B 101 -31.34 -27.57 -2.63
CA ASN B 101 -32.47 -26.68 -2.76
C ASN B 101 -32.47 -25.55 -1.68
N ILE B 102 -31.94 -25.84 -0.50
CA ILE B 102 -31.81 -24.86 0.61
C ILE B 102 -30.66 -23.90 0.33
N LEU B 103 -29.51 -24.44 -0.08
CA LEU B 103 -28.35 -23.59 -0.32
C LEU B 103 -28.34 -22.86 -1.66
N GLY B 104 -28.80 -23.53 -2.71
CA GLY B 104 -28.80 -23.03 -4.09
C GLY B 104 -27.37 -23.08 -4.63
N GLY B 105 -27.22 -22.63 -5.85
CA GLY B 105 -25.92 -22.51 -6.49
C GLY B 105 -25.69 -23.43 -7.67
N THR B 106 -24.41 -23.72 -7.92
CA THR B 106 -23.96 -24.53 -9.05
C THR B 106 -23.00 -25.60 -8.53
N VAL B 107 -23.22 -26.87 -8.94
CA VAL B 107 -22.37 -27.99 -8.56
C VAL B 107 -21.32 -28.16 -9.65
N PHE B 108 -20.04 -27.88 -9.34
CA PHE B 108 -18.97 -28.02 -10.33
C PHE B 108 -18.39 -29.40 -10.19
N ARG B 109 -18.33 -30.11 -11.31
CA ARG B 109 -17.85 -31.48 -11.37
C ARG B 109 -16.75 -31.61 -12.37
N GLU B 110 -15.72 -32.39 -12.02
CA GLU B 110 -14.56 -32.56 -12.90
C GLU B 110 -13.91 -33.89 -12.59
N ALA B 111 -13.45 -34.59 -13.64
CA ALA B 111 -12.75 -35.88 -13.45
C ALA B 111 -11.45 -35.68 -12.64
N ILE B 112 -11.04 -36.70 -11.87
CA ILE B 112 -9.79 -36.69 -11.12
C ILE B 112 -8.87 -37.56 -11.99
N ILE B 113 -7.88 -36.98 -12.61
CA ILE B 113 -7.02 -37.70 -13.58
C ILE B 113 -5.77 -38.33 -12.99
N CYS B 114 -5.58 -39.62 -13.31
CA CYS B 114 -4.41 -40.44 -13.04
C CYS B 114 -3.88 -40.92 -14.41
N LYS B 115 -2.65 -40.54 -14.73
CA LYS B 115 -1.98 -40.85 -16.01
C LYS B 115 -2.00 -42.31 -16.45
N ASN B 116 -2.09 -43.26 -15.50
CA ASN B 116 -2.08 -44.70 -15.78
C ASN B 116 -3.48 -45.30 -15.95
N ILE B 117 -4.55 -44.51 -15.74
CA ILE B 117 -5.93 -44.99 -15.93
C ILE B 117 -6.31 -44.60 -17.37
N PRO B 118 -6.59 -45.58 -18.25
CA PRO B 118 -6.94 -45.22 -19.63
C PRO B 118 -8.30 -44.52 -19.75
N ARG B 119 -8.38 -43.52 -20.62
CA ARG B 119 -9.65 -42.86 -20.91
C ARG B 119 -10.42 -43.77 -21.84
N LEU B 120 -11.76 -43.68 -21.81
CA LEU B 120 -12.60 -44.46 -22.71
C LEU B 120 -12.87 -43.65 -23.98
N VAL B 121 -12.70 -42.33 -23.89
CA VAL B 121 -12.84 -41.37 -24.99
C VAL B 121 -11.42 -40.85 -25.28
N SER B 122 -10.81 -41.39 -26.34
CA SER B 122 -9.45 -41.12 -26.81
C SER B 122 -9.11 -39.63 -26.97
N GLY B 123 -10.01 -38.88 -27.63
CA GLY B 123 -9.84 -37.46 -27.91
C GLY B 123 -9.73 -36.51 -26.73
N TRP B 124 -10.25 -36.89 -25.54
CA TRP B 124 -10.29 -35.97 -24.39
C TRP B 124 -8.91 -35.72 -23.72
N VAL B 125 -8.08 -34.85 -24.33
CA VAL B 125 -6.72 -34.55 -23.83
C VAL B 125 -6.70 -33.41 -22.80
N LYS B 126 -7.78 -32.62 -22.73
CA LYS B 126 -7.93 -31.54 -21.76
C LYS B 126 -9.18 -31.81 -20.90
N PRO B 127 -9.26 -31.28 -19.66
CA PRO B 127 -10.44 -31.56 -18.82
C PRO B 127 -11.72 -30.88 -19.26
N ILE B 128 -12.83 -31.41 -18.80
CA ILE B 128 -14.15 -30.82 -19.07
C ILE B 128 -14.71 -30.56 -17.68
N ILE B 129 -15.16 -29.35 -17.43
CA ILE B 129 -15.76 -29.07 -16.15
C ILE B 129 -17.24 -28.85 -16.40
N ILE B 130 -18.09 -29.51 -15.65
CA ILE B 130 -19.53 -29.35 -15.74
C ILE B 130 -19.97 -28.46 -14.60
N GLY B 131 -20.75 -27.44 -14.91
CA GLY B 131 -21.40 -26.57 -13.96
C GLY B 131 -22.87 -26.94 -13.96
N ARG B 132 -23.27 -27.80 -13.03
CA ARG B 132 -24.64 -28.28 -12.89
C ARG B 132 -25.50 -27.33 -11.99
N HIS B 133 -26.53 -26.70 -12.56
CA HIS B 133 -27.44 -25.82 -11.81
C HIS B 133 -28.03 -26.69 -10.71
N ALA B 134 -27.84 -26.30 -9.43
CA ALA B 134 -28.20 -27.18 -8.30
C ALA B 134 -29.61 -27.00 -7.77
N TYR B 135 -30.38 -26.11 -8.33
CA TYR B 135 -31.72 -25.80 -7.81
C TYR B 135 -32.86 -26.10 -8.81
N GLY B 136 -34.00 -26.50 -8.26
CA GLY B 136 -35.26 -26.67 -8.98
C GLY B 136 -35.34 -27.76 -10.01
N ASP B 137 -36.17 -27.53 -11.01
CA ASP B 137 -36.51 -28.46 -12.11
C ASP B 137 -36.99 -29.79 -11.48
N GLN B 138 -36.54 -30.95 -11.98
CA GLN B 138 -36.97 -32.28 -11.49
C GLN B 138 -36.75 -32.53 -10.02
N TYR B 139 -35.76 -31.85 -9.41
CA TYR B 139 -35.39 -32.04 -8.03
C TYR B 139 -36.28 -31.31 -7.03
N ARG B 140 -37.22 -30.48 -7.51
CA ARG B 140 -38.19 -29.86 -6.61
C ARG B 140 -39.58 -29.92 -7.26
N ALA B 141 -39.81 -30.97 -8.06
CA ALA B 141 -41.05 -31.16 -8.83
C ALA B 141 -42.15 -31.78 -8.00
N THR B 142 -43.40 -31.59 -8.44
CA THR B 142 -44.57 -32.23 -7.83
C THR B 142 -45.08 -33.20 -8.86
N ASP B 143 -44.95 -34.51 -8.62
CA ASP B 143 -45.43 -35.49 -9.61
C ASP B 143 -46.47 -36.41 -8.98
N PHE B 144 -47.37 -36.95 -9.78
CA PHE B 144 -48.45 -37.79 -9.27
C PHE B 144 -49.01 -38.71 -10.32
N VAL B 145 -49.64 -39.80 -9.88
CA VAL B 145 -50.32 -40.74 -10.76
C VAL B 145 -51.70 -40.16 -11.07
N VAL B 146 -52.10 -40.21 -12.34
CA VAL B 146 -53.43 -39.80 -12.78
C VAL B 146 -54.21 -41.15 -12.79
N PRO B 147 -55.16 -41.35 -11.85
CA PRO B 147 -55.81 -42.69 -11.74
C PRO B 147 -56.78 -43.05 -12.86
N GLY B 148 -57.29 -42.05 -13.56
CA GLY B 148 -58.23 -42.31 -14.64
C GLY B 148 -58.58 -41.07 -15.44
N PRO B 149 -59.59 -41.19 -16.33
CA PRO B 149 -59.95 -40.04 -17.16
C PRO B 149 -60.26 -38.78 -16.36
N GLY B 150 -59.88 -37.65 -16.94
CA GLY B 150 -60.08 -36.35 -16.32
C GLY B 150 -59.07 -35.34 -16.80
N LYS B 151 -59.14 -34.14 -16.25
CA LYS B 151 -58.30 -33.03 -16.70
C LYS B 151 -57.19 -32.69 -15.73
N VAL B 152 -55.98 -32.45 -16.27
CA VAL B 152 -54.87 -31.95 -15.48
C VAL B 152 -54.65 -30.54 -16.01
N GLU B 153 -54.62 -29.57 -15.10
CA GLU B 153 -54.42 -28.16 -15.40
C GLU B 153 -53.34 -27.57 -14.52
N ILE B 154 -52.67 -26.53 -15.00
CA ILE B 154 -51.61 -25.84 -14.23
C ILE B 154 -52.00 -24.37 -14.20
N THR B 155 -51.96 -23.77 -13.03
CA THR B 155 -52.43 -22.39 -12.86
C THR B 155 -51.39 -21.49 -12.22
N TYR B 156 -51.42 -20.22 -12.56
CA TYR B 156 -50.56 -19.23 -11.96
C TYR B 156 -51.47 -18.12 -11.44
N THR B 157 -51.27 -17.72 -10.18
CA THR B 157 -52.03 -16.64 -9.56
C THR B 157 -51.03 -15.61 -8.96
N PRO B 158 -50.88 -14.37 -9.49
CA PRO B 158 -49.94 -13.41 -8.86
C PRO B 158 -50.31 -13.16 -7.39
N SER B 159 -49.31 -12.78 -6.58
CA SER B 159 -49.56 -12.62 -5.14
C SER B 159 -50.63 -11.54 -4.81
N ASP B 160 -50.88 -10.56 -5.67
CA ASP B 160 -51.94 -9.57 -5.38
C ASP B 160 -53.39 -10.10 -5.62
N GLY B 161 -53.52 -11.32 -6.15
CA GLY B 161 -54.80 -11.97 -6.41
C GLY B 161 -55.69 -11.29 -7.42
N THR B 162 -55.11 -10.45 -8.30
CA THR B 162 -55.85 -9.73 -9.33
C THR B 162 -55.98 -10.47 -10.67
N GLN B 163 -55.31 -11.63 -10.83
CA GLN B 163 -55.42 -12.43 -12.05
C GLN B 163 -55.23 -13.89 -11.79
N LYS B 164 -55.65 -14.72 -12.74
CA LYS B 164 -55.51 -16.17 -12.67
C LYS B 164 -55.38 -16.69 -14.08
N VAL B 165 -54.31 -17.42 -14.37
CA VAL B 165 -54.08 -17.99 -15.70
C VAL B 165 -54.12 -19.50 -15.47
N THR B 166 -54.91 -20.23 -16.26
CA THR B 166 -55.04 -21.69 -16.19
C THR B 166 -54.71 -22.27 -17.56
N TYR B 167 -53.80 -23.24 -17.60
CA TYR B 167 -53.40 -23.90 -18.83
C TYR B 167 -53.80 -25.36 -18.72
N LEU B 168 -54.32 -25.94 -19.79
CA LEU B 168 -54.65 -27.35 -19.77
C LEU B 168 -53.33 -28.12 -20.01
N VAL B 169 -53.04 -29.07 -19.17
CA VAL B 169 -51.82 -29.88 -19.36
C VAL B 169 -52.26 -31.01 -20.28
N HIS B 170 -53.35 -31.70 -19.91
CA HIS B 170 -53.85 -32.81 -20.71
C HIS B 170 -55.23 -33.21 -20.24
N ASN B 171 -56.07 -33.56 -21.21
CA ASN B 171 -57.37 -34.17 -20.92
C ASN B 171 -57.20 -35.66 -21.17
N PHE B 172 -57.19 -36.44 -20.10
CA PHE B 172 -57.07 -37.90 -20.16
C PHE B 172 -58.47 -38.41 -20.52
N GLU B 173 -58.65 -38.84 -21.77
CA GLU B 173 -59.97 -39.27 -22.26
C GLU B 173 -60.27 -40.71 -21.92
N GLU B 174 -59.25 -41.56 -22.00
CA GLU B 174 -59.37 -42.98 -21.71
C GLU B 174 -58.13 -43.41 -20.91
N GLY B 175 -58.36 -43.99 -19.75
CA GLY B 175 -57.29 -44.46 -18.87
C GLY B 175 -56.60 -43.32 -18.14
N GLY B 176 -55.56 -43.65 -17.41
CA GLY B 176 -54.82 -42.67 -16.66
C GLY B 176 -53.38 -42.55 -17.13
N GLY B 177 -52.52 -42.18 -16.21
CA GLY B 177 -51.11 -42.01 -16.54
C GLY B 177 -50.41 -41.31 -15.41
N VAL B 178 -49.59 -40.32 -15.74
CA VAL B 178 -48.81 -39.54 -14.78
C VAL B 178 -48.79 -38.09 -15.23
N ALA B 179 -48.57 -37.19 -14.27
CA ALA B 179 -48.43 -35.77 -14.57
C ALA B 179 -47.48 -35.14 -13.57
N MET B 180 -46.93 -33.98 -13.92
CA MET B 180 -46.02 -33.31 -13.00
C MET B 180 -45.91 -31.87 -13.35
N GLY B 181 -45.61 -31.08 -12.33
CA GLY B 181 -45.31 -29.67 -12.45
C GLY B 181 -43.91 -29.45 -11.91
N MET B 182 -43.17 -28.55 -12.51
CA MET B 182 -41.85 -28.19 -12.04
C MET B 182 -41.61 -26.72 -12.34
N TYR B 183 -40.59 -26.15 -11.73
CA TYR B 183 -40.32 -24.73 -11.87
C TYR B 183 -38.85 -24.40 -11.67
N ASN B 184 -38.52 -23.16 -11.96
CA ASN B 184 -37.23 -22.59 -11.64
C ASN B 184 -37.41 -21.08 -11.36
N GLN B 185 -36.43 -20.46 -10.70
CA GLN B 185 -36.47 -19.06 -10.30
C GLN B 185 -35.46 -18.26 -11.05
N ASP B 186 -35.85 -17.05 -11.49
CA ASP B 186 -34.95 -16.15 -12.23
C ASP B 186 -33.64 -15.85 -11.50
N LYS B 187 -33.69 -15.54 -10.19
CA LYS B 187 -32.49 -15.20 -9.42
C LYS B 187 -31.52 -16.40 -9.37
N SER B 188 -32.07 -17.61 -9.20
CA SER B 188 -31.27 -18.85 -9.21
C SER B 188 -30.58 -19.05 -10.57
N ILE B 189 -31.31 -18.82 -11.69
CA ILE B 189 -30.75 -18.95 -13.05
C ILE B 189 -29.68 -17.88 -13.25
N GLU B 190 -29.92 -16.63 -12.79
CA GLU B 190 -28.89 -15.56 -12.89
C GLU B 190 -27.58 -15.93 -12.14
N ASP B 191 -27.71 -16.50 -10.93
CA ASP B 191 -26.56 -16.93 -10.13
C ASP B 191 -25.84 -18.05 -10.85
N PHE B 192 -26.62 -18.99 -11.46
CA PHE B 192 -26.03 -20.09 -12.24
C PHE B 192 -25.22 -19.51 -13.41
N ALA B 193 -25.78 -18.52 -14.12
CA ALA B 193 -25.09 -17.87 -15.23
C ALA B 193 -23.77 -17.18 -14.73
N HIS B 194 -23.86 -16.37 -13.67
CA HIS B 194 -22.65 -15.69 -13.09
C HIS B 194 -21.57 -16.71 -12.73
N SER B 195 -21.96 -17.81 -12.07
CA SER B 195 -20.99 -18.83 -11.68
C SER B 195 -20.31 -19.50 -12.86
N SER B 196 -21.08 -19.76 -13.93
CA SER B 196 -20.55 -20.40 -15.14
C SER B 196 -19.60 -19.48 -15.86
N PHE B 197 -19.99 -18.21 -16.02
CA PHE B 197 -19.13 -17.20 -16.68
C PHE B 197 -17.79 -16.99 -15.93
N GLN B 198 -17.85 -16.93 -14.60
CA GLN B 198 -16.66 -16.76 -13.73
C GLN B 198 -15.73 -17.95 -13.76
N MET B 199 -16.30 -19.16 -13.80
CA MET B 199 -15.51 -20.40 -13.88
C MET B 199 -14.74 -20.42 -15.19
N ALA B 200 -15.42 -20.12 -16.32
CA ALA B 200 -14.76 -20.12 -17.63
C ALA B 200 -13.63 -19.07 -17.65
N LEU B 201 -13.89 -17.87 -17.14
CA LEU B 201 -12.86 -16.82 -17.09
C LEU B 201 -11.67 -17.21 -16.18
N SER B 202 -11.93 -17.96 -15.09
CA SER B 202 -10.86 -18.37 -14.19
C SER B 202 -9.99 -19.49 -14.79
N LYS B 203 -10.57 -20.33 -15.66
CA LYS B 203 -9.81 -21.41 -16.31
C LYS B 203 -9.22 -20.96 -17.63
N GLY B 204 -9.78 -19.90 -18.19
CA GLY B 204 -9.42 -19.40 -19.50
C GLY B 204 -9.87 -20.35 -20.59
N TRP B 205 -11.05 -20.96 -20.40
CA TRP B 205 -11.66 -21.91 -21.36
C TRP B 205 -13.00 -21.39 -21.85
N PRO B 206 -13.47 -21.77 -23.06
CA PRO B 206 -14.81 -21.34 -23.49
C PRO B 206 -15.91 -22.01 -22.66
N LEU B 207 -17.09 -21.38 -22.64
CA LEU B 207 -18.26 -21.89 -21.93
C LEU B 207 -19.39 -22.23 -22.94
N TYR B 208 -20.09 -23.31 -22.67
CA TYR B 208 -21.25 -23.76 -23.43
C TYR B 208 -22.40 -24.00 -22.47
N LEU B 209 -23.57 -23.45 -22.79
CA LEU B 209 -24.79 -23.77 -22.03
C LEU B 209 -25.61 -24.69 -22.95
N SER B 210 -26.17 -25.78 -22.40
CA SER B 210 -27.04 -26.67 -23.17
C SER B 210 -28.51 -26.55 -22.66
N THR B 211 -29.46 -26.46 -23.59
CA THR B 211 -30.89 -26.43 -23.27
C THR B 211 -31.62 -27.13 -24.43
N LYS B 212 -32.94 -27.21 -24.35
CA LYS B 212 -33.73 -27.70 -25.49
C LYS B 212 -34.82 -26.62 -25.70
N ASN B 213 -34.36 -25.38 -25.95
CA ASN B 213 -35.26 -24.22 -26.10
C ASN B 213 -36.15 -24.28 -27.33
N THR B 214 -35.83 -25.13 -28.31
CA THR B 214 -36.69 -25.31 -29.51
C THR B 214 -37.97 -26.06 -29.13
N ILE B 215 -37.93 -26.84 -28.03
CA ILE B 215 -39.05 -27.62 -27.52
C ILE B 215 -39.71 -26.91 -26.35
N LEU B 216 -38.94 -26.60 -25.29
CA LEU B 216 -39.47 -25.86 -24.14
C LEU B 216 -39.10 -24.40 -24.40
N LYS B 217 -39.87 -23.77 -25.27
CA LYS B 217 -39.60 -22.39 -25.73
C LYS B 217 -39.58 -21.37 -24.60
N LYS B 218 -40.47 -21.51 -23.61
CA LYS B 218 -40.51 -20.56 -22.48
C LYS B 218 -39.57 -20.96 -21.35
N TYR B 219 -39.63 -22.23 -20.91
CA TYR B 219 -38.84 -22.73 -19.80
C TYR B 219 -37.34 -22.68 -20.10
N ASP B 220 -36.89 -23.38 -21.15
CA ASP B 220 -35.48 -23.38 -21.55
C ASP B 220 -35.08 -22.08 -22.23
N GLY B 221 -36.03 -21.45 -22.89
CA GLY B 221 -35.80 -20.14 -23.49
C GLY B 221 -35.35 -19.12 -22.45
N ARG B 222 -35.91 -19.20 -21.23
CA ARG B 222 -35.55 -18.30 -20.12
C ARG B 222 -34.09 -18.48 -19.71
N PHE B 223 -33.62 -19.74 -19.64
CA PHE B 223 -32.22 -20.00 -19.32
C PHE B 223 -31.34 -19.41 -20.40
N LYS B 224 -31.67 -19.67 -21.67
CA LYS B 224 -30.91 -19.14 -22.83
C LYS B 224 -30.85 -17.62 -22.80
N ASP B 225 -32.00 -16.95 -22.59
CA ASP B 225 -32.08 -15.48 -22.55
C ASP B 225 -31.32 -14.86 -21.38
N ILE B 226 -31.45 -15.42 -20.16
CA ILE B 226 -30.72 -14.90 -18.98
C ILE B 226 -29.21 -14.98 -19.23
N PHE B 227 -28.70 -16.13 -19.73
CA PHE B 227 -27.25 -16.26 -19.97
C PHE B 227 -26.77 -15.26 -21.02
N GLN B 228 -27.52 -15.11 -22.14
CA GLN B 228 -27.13 -14.20 -23.20
C GLN B 228 -27.07 -12.75 -22.72
N GLU B 229 -28.06 -12.34 -21.94
CA GLU B 229 -28.21 -10.97 -21.41
C GLU B 229 -27.10 -10.63 -20.40
N ILE B 230 -26.71 -11.57 -19.53
CA ILE B 230 -25.63 -11.39 -18.56
C ILE B 230 -24.30 -11.40 -19.31
N TYR B 231 -24.18 -12.28 -20.33
CA TYR B 231 -22.96 -12.30 -21.14
C TYR B 231 -22.73 -10.93 -21.82
N ASP B 232 -23.77 -10.43 -22.53
CA ASP B 232 -23.71 -9.16 -23.27
C ASP B 232 -23.47 -7.95 -22.39
N LYS B 233 -24.09 -7.93 -21.22
CA LYS B 233 -23.98 -6.81 -20.31
C LYS B 233 -22.75 -6.83 -19.43
N GLN B 234 -22.23 -8.03 -19.08
CA GLN B 234 -21.18 -8.07 -18.06
C GLN B 234 -19.94 -8.88 -18.34
N TYR B 235 -19.98 -9.83 -19.29
CA TYR B 235 -18.80 -10.69 -19.49
C TYR B 235 -18.18 -10.71 -20.87
N LYS B 236 -18.88 -10.28 -21.93
CA LYS B 236 -18.40 -10.39 -23.31
C LYS B 236 -16.96 -9.86 -23.53
N SER B 237 -16.70 -8.61 -23.09
CA SER B 237 -15.37 -7.99 -23.23
C SER B 237 -14.30 -8.78 -22.49
N GLN B 238 -14.67 -9.36 -21.32
CA GLN B 238 -13.77 -10.20 -20.52
C GLN B 238 -13.42 -11.47 -21.27
N PHE B 239 -14.41 -12.12 -21.92
CA PHE B 239 -14.15 -13.34 -22.72
C PHE B 239 -13.28 -12.98 -23.91
N GLU B 240 -13.63 -11.87 -24.60
CA GLU B 240 -12.87 -11.38 -25.78
C GLU B 240 -11.41 -11.13 -25.43
N ALA B 241 -11.14 -10.54 -24.24
CA ALA B 241 -9.78 -10.26 -23.76
C ALA B 241 -8.99 -11.54 -23.57
N GLN B 242 -9.64 -12.64 -23.13
CA GLN B 242 -8.97 -13.92 -22.95
C GLN B 242 -9.04 -14.84 -24.16
N LYS B 243 -9.59 -14.34 -25.30
CA LYS B 243 -9.72 -15.08 -26.58
C LYS B 243 -10.59 -16.36 -26.41
N ILE B 244 -11.62 -16.23 -25.56
CA ILE B 244 -12.55 -17.34 -25.31
C ILE B 244 -13.92 -16.85 -25.72
N TRP B 245 -14.94 -17.71 -25.62
CA TRP B 245 -16.28 -17.35 -26.07
C TRP B 245 -17.32 -18.13 -25.26
N TYR B 246 -18.54 -17.62 -25.29
CA TYR B 246 -19.69 -18.29 -24.73
C TYR B 246 -20.64 -18.64 -25.92
N GLU B 247 -21.19 -19.86 -25.95
CA GLU B 247 -22.20 -20.24 -26.95
C GLU B 247 -23.25 -21.15 -26.35
N HIS B 248 -24.50 -20.98 -26.79
CA HIS B 248 -25.61 -21.84 -26.40
C HIS B 248 -25.62 -23.00 -27.39
N ARG B 249 -25.92 -24.23 -26.92
CA ARG B 249 -26.06 -25.40 -27.78
C ARG B 249 -27.32 -26.14 -27.40
N LEU B 250 -28.00 -26.78 -28.36
CA LEU B 250 -29.10 -27.69 -28.03
C LEU B 250 -28.47 -28.90 -27.35
N ILE B 251 -29.12 -29.45 -26.32
CA ILE B 251 -28.56 -30.54 -25.51
C ILE B 251 -28.09 -31.75 -26.34
N ASP B 252 -28.92 -32.25 -27.29
CA ASP B 252 -28.54 -33.41 -28.11
C ASP B 252 -27.31 -33.09 -29.00
N ASP B 253 -27.26 -31.88 -29.57
CA ASP B 253 -26.06 -31.43 -30.33
C ASP B 253 -24.83 -31.34 -29.37
N MET B 254 -25.03 -30.79 -28.16
CA MET B 254 -23.94 -30.59 -27.18
C MET B 254 -23.30 -31.93 -26.76
N VAL B 255 -24.12 -32.95 -26.44
CA VAL B 255 -23.54 -34.24 -26.00
C VAL B 255 -22.66 -34.86 -27.09
N ALA B 256 -23.09 -34.74 -28.36
CA ALA B 256 -22.34 -35.26 -29.50
C ALA B 256 -21.07 -34.42 -29.71
N GLN B 257 -21.20 -33.10 -29.65
CA GLN B 257 -20.01 -32.21 -29.78
C GLN B 257 -19.01 -32.47 -28.64
N ALA B 258 -19.49 -32.72 -27.40
CA ALA B 258 -18.59 -33.04 -26.27
C ALA B 258 -17.82 -34.35 -26.55
N MET B 259 -18.54 -35.38 -27.01
CA MET B 259 -17.99 -36.71 -27.33
C MET B 259 -16.87 -36.59 -28.39
N LYS B 260 -17.04 -35.73 -29.40
CA LYS B 260 -15.98 -35.63 -30.44
C LYS B 260 -14.93 -34.53 -30.18
N SER B 261 -15.04 -33.79 -29.06
CA SER B 261 -14.11 -32.71 -28.78
C SER B 261 -12.79 -33.21 -28.19
N GLU B 262 -11.89 -32.27 -27.90
CA GLU B 262 -10.65 -32.61 -27.22
C GLU B 262 -10.71 -32.14 -25.76
N GLY B 263 -11.92 -31.83 -25.28
CA GLY B 263 -12.12 -31.29 -23.94
C GLY B 263 -11.69 -29.83 -23.91
N GLY B 264 -11.42 -29.31 -22.71
CA GLY B 264 -10.97 -27.93 -22.52
C GLY B 264 -12.07 -26.91 -22.59
N PHE B 265 -13.18 -27.17 -21.91
CA PHE B 265 -14.29 -26.21 -21.89
C PHE B 265 -15.06 -26.38 -20.62
N ILE B 266 -15.90 -25.39 -20.35
CA ILE B 266 -16.85 -25.39 -19.25
C ILE B 266 -18.20 -25.69 -19.88
N TRP B 267 -18.95 -26.56 -19.23
CA TRP B 267 -20.26 -26.94 -19.70
C TRP B 267 -21.32 -26.65 -18.65
N ALA B 268 -22.07 -25.57 -18.85
CA ALA B 268 -23.21 -25.21 -18.00
C ALA B 268 -24.38 -26.12 -18.35
N CYS B 269 -24.80 -26.91 -17.38
CA CYS B 269 -25.90 -27.90 -17.51
C CYS B 269 -27.02 -27.54 -16.54
N LYS B 270 -28.25 -27.70 -16.99
CA LYS B 270 -29.44 -27.59 -16.14
C LYS B 270 -29.37 -28.79 -15.18
N ASN B 271 -30.07 -28.72 -14.07
CA ASN B 271 -30.01 -29.70 -12.98
C ASN B 271 -29.98 -31.18 -13.44
N TYR B 272 -31.01 -31.61 -14.20
CA TYR B 272 -31.12 -32.98 -14.71
C TYR B 272 -29.95 -33.36 -15.64
N ASP B 273 -29.67 -32.54 -16.63
CA ASP B 273 -28.57 -32.80 -17.57
C ASP B 273 -27.22 -32.90 -16.86
N GLY B 274 -26.99 -32.04 -15.86
CA GLY B 274 -25.78 -32.07 -15.06
C GLY B 274 -25.62 -33.39 -14.35
N ASP B 275 -26.71 -33.91 -13.78
CA ASP B 275 -26.68 -35.23 -13.14
C ASP B 275 -26.23 -36.29 -14.15
N VAL B 276 -26.92 -36.37 -15.27
CA VAL B 276 -26.66 -37.40 -16.28
C VAL B 276 -25.30 -37.25 -16.93
N GLN B 277 -25.02 -36.09 -17.51
CA GLN B 277 -23.80 -35.88 -18.25
C GLN B 277 -22.53 -35.88 -17.40
N SER B 278 -22.61 -35.50 -16.09
CA SER B 278 -21.41 -35.59 -15.24
C SER B 278 -20.97 -37.04 -15.05
N ASP B 279 -21.93 -38.01 -15.02
CA ASP B 279 -21.54 -39.44 -14.92
C ASP B 279 -20.99 -39.98 -16.23
N SER B 280 -21.56 -39.54 -17.35
CA SER B 280 -21.11 -39.90 -18.69
C SER B 280 -19.65 -39.43 -18.89
N VAL B 281 -19.39 -38.15 -18.57
CA VAL B 281 -18.06 -37.53 -18.68
C VAL B 281 -17.04 -38.20 -17.71
N ALA B 282 -17.41 -38.39 -16.44
CA ALA B 282 -16.54 -39.06 -15.46
C ALA B 282 -16.13 -40.45 -15.97
N GLN B 283 -17.12 -41.23 -16.50
CA GLN B 283 -16.81 -42.55 -17.05
C GLN B 283 -15.90 -42.45 -18.28
N GLY B 284 -16.18 -41.47 -19.15
CA GLY B 284 -15.39 -41.22 -20.37
C GLY B 284 -13.92 -41.01 -20.07
N TYR B 285 -13.61 -40.29 -18.97
CA TYR B 285 -12.22 -40.04 -18.55
C TYR B 285 -11.54 -41.27 -17.97
N GLY B 286 -12.30 -42.29 -17.64
CA GLY B 286 -11.70 -43.55 -17.19
C GLY B 286 -12.45 -44.26 -16.09
N SER B 287 -12.94 -43.52 -15.11
CA SER B 287 -13.59 -44.15 -13.97
C SER B 287 -14.66 -43.25 -13.42
N LEU B 288 -15.86 -43.82 -13.28
CA LEU B 288 -17.03 -43.12 -12.71
C LEU B 288 -16.72 -42.52 -11.33
N GLY B 289 -16.07 -43.30 -10.45
CA GLY B 289 -15.72 -42.91 -9.09
C GLY B 289 -14.61 -41.89 -8.94
N MET B 290 -13.97 -41.47 -10.04
CA MET B 290 -12.87 -40.49 -10.01
C MET B 290 -13.39 -39.12 -10.47
N MET B 291 -14.16 -38.46 -9.59
CA MET B 291 -14.73 -37.16 -9.92
C MET B 291 -14.87 -36.33 -8.65
N THR B 292 -14.63 -35.02 -8.75
CA THR B 292 -14.84 -34.08 -7.64
C THR B 292 -16.22 -33.47 -7.87
N SER B 293 -16.89 -33.01 -6.82
CA SER B 293 -18.21 -32.41 -6.94
C SER B 293 -18.34 -31.37 -5.82
N VAL B 294 -18.41 -30.08 -6.19
CA VAL B 294 -18.45 -29.00 -5.21
C VAL B 294 -19.56 -28.04 -5.56
N LEU B 295 -20.52 -27.93 -4.64
CA LEU B 295 -21.60 -26.94 -4.76
C LEU B 295 -21.02 -25.58 -4.34
N VAL B 296 -21.09 -24.59 -5.22
CA VAL B 296 -20.62 -23.21 -5.00
C VAL B 296 -21.90 -22.38 -4.85
N CYS B 297 -22.16 -21.88 -3.64
CA CYS B 297 -23.40 -21.17 -3.36
C CYS B 297 -23.41 -19.73 -3.88
N PRO B 298 -24.61 -19.12 -4.07
CA PRO B 298 -24.66 -17.75 -4.64
C PRO B 298 -23.98 -16.64 -3.84
N ASP B 299 -23.75 -16.84 -2.51
CA ASP B 299 -23.12 -15.81 -1.69
C ASP B 299 -21.62 -15.61 -2.01
N GLY B 300 -21.03 -16.55 -2.75
CA GLY B 300 -19.62 -16.55 -3.14
C GLY B 300 -18.69 -16.83 -1.97
N LYS B 301 -19.23 -17.44 -0.90
CA LYS B 301 -18.51 -17.72 0.35
C LYS B 301 -18.77 -19.14 0.84
N THR B 302 -19.95 -19.69 0.54
CA THR B 302 -20.37 -21.01 1.04
C THR B 302 -20.19 -22.10 -0.01
N VAL B 303 -19.62 -23.25 0.42
CA VAL B 303 -19.47 -24.42 -0.46
C VAL B 303 -19.90 -25.67 0.30
N GLU B 304 -20.22 -26.71 -0.47
CA GLU B 304 -20.49 -28.05 0.03
C GLU B 304 -19.80 -28.99 -0.95
N ALA B 305 -18.74 -29.68 -0.50
CA ALA B 305 -18.04 -30.67 -1.33
C ALA B 305 -18.61 -32.03 -1.00
N GLU B 306 -18.75 -32.90 -2.00
CA GLU B 306 -19.34 -34.22 -1.75
C GLU B 306 -18.73 -35.33 -2.60
N ALA B 307 -18.96 -36.59 -2.20
CA ALA B 307 -18.66 -37.73 -3.05
C ALA B 307 -20.03 -37.95 -3.77
N ALA B 308 -20.08 -37.74 -5.10
CA ALA B 308 -21.32 -37.83 -5.91
C ALA B 308 -21.76 -39.24 -6.34
N HIS B 309 -20.89 -40.23 -6.16
CA HIS B 309 -21.20 -41.60 -6.55
C HIS B 309 -22.09 -42.26 -5.47
N GLY B 310 -22.42 -43.53 -5.68
CA GLY B 310 -23.26 -44.29 -4.76
C GLY B 310 -22.56 -44.75 -3.49
N THR B 311 -23.30 -45.48 -2.67
CA THR B 311 -22.83 -45.99 -1.36
C THR B 311 -22.17 -47.36 -1.48
N VAL B 312 -22.03 -47.87 -2.72
CA VAL B 312 -21.35 -49.13 -3.09
C VAL B 312 -21.95 -50.31 -2.28
N THR B 313 -23.26 -50.52 -2.43
CA THR B 313 -24.00 -51.57 -1.70
C THR B 313 -23.38 -52.96 -1.85
N ARG B 314 -22.95 -53.34 -3.07
CA ARG B 314 -22.34 -54.67 -3.31
C ARG B 314 -21.10 -54.91 -2.44
N HIS B 315 -20.22 -53.89 -2.31
CA HIS B 315 -19.04 -53.99 -1.42
C HIS B 315 -19.47 -54.06 0.04
N TYR B 316 -20.51 -53.28 0.40
CA TYR B 316 -21.02 -53.28 1.76
C TYR B 316 -21.57 -54.65 2.17
N ARG B 317 -22.27 -55.34 1.25
CA ARG B 317 -22.81 -56.69 1.51
C ARG B 317 -21.67 -57.68 1.75
N MET B 318 -20.57 -57.56 0.98
CA MET B 318 -19.36 -58.38 1.16
C MET B 318 -18.76 -58.09 2.53
N TYR B 319 -18.65 -56.80 2.90
CA TYR B 319 -18.14 -56.36 4.19
C TYR B 319 -18.97 -56.96 5.35
N GLN B 320 -20.31 -56.96 5.21
CA GLN B 320 -21.23 -57.51 6.22
C GLN B 320 -21.02 -59.01 6.46
N LYS B 321 -20.57 -59.73 5.40
CA LYS B 321 -20.30 -61.18 5.43
C LYS B 321 -18.85 -61.48 5.87
N GLY B 322 -18.12 -60.45 6.30
CA GLY B 322 -16.73 -60.57 6.73
C GLY B 322 -15.76 -60.84 5.60
N GLN B 323 -16.17 -60.58 4.35
CA GLN B 323 -15.33 -60.76 3.16
C GLN B 323 -14.48 -59.51 2.92
N GLU B 324 -13.31 -59.71 2.30
CA GLU B 324 -12.39 -58.62 2.01
C GLU B 324 -13.03 -57.75 0.91
N THR B 325 -12.85 -56.42 0.99
CA THR B 325 -13.37 -55.49 -0.03
C THR B 325 -12.27 -54.54 -0.42
N SER B 326 -12.39 -53.96 -1.61
CA SER B 326 -11.40 -53.05 -2.15
C SER B 326 -12.16 -51.95 -2.91
N THR B 327 -12.52 -50.85 -2.20
CA THR B 327 -13.33 -49.74 -2.72
C THR B 327 -12.50 -48.46 -2.86
N ASN B 328 -12.62 -47.82 -4.02
CA ASN B 328 -11.93 -46.57 -4.33
C ASN B 328 -12.41 -45.45 -3.39
N PRO B 329 -11.53 -44.93 -2.48
CA PRO B 329 -11.97 -43.86 -1.56
C PRO B 329 -11.66 -42.46 -2.08
N ILE B 330 -11.12 -42.33 -3.30
CA ILE B 330 -10.61 -41.04 -3.80
C ILE B 330 -11.66 -39.94 -3.85
N ALA B 331 -12.87 -40.20 -4.37
CA ALA B 331 -13.88 -39.12 -4.41
C ALA B 331 -14.21 -38.64 -3.01
N SER B 332 -14.27 -39.56 -2.02
CA SER B 332 -14.56 -39.22 -0.62
C SER B 332 -13.42 -38.39 -0.02
N ILE B 333 -12.15 -38.69 -0.41
CA ILE B 333 -10.98 -37.92 0.01
C ILE B 333 -11.03 -36.53 -0.56
N PHE B 334 -11.37 -36.40 -1.87
CA PHE B 334 -11.41 -35.10 -2.51
C PHE B 334 -12.59 -34.25 -2.02
N ALA B 335 -13.64 -34.86 -1.46
CA ALA B 335 -14.71 -34.06 -0.84
C ALA B 335 -14.04 -33.30 0.38
N TRP B 336 -13.22 -34.01 1.17
CA TRP B 336 -12.49 -33.38 2.32
C TRP B 336 -11.47 -32.37 1.84
N THR B 337 -10.66 -32.70 0.84
CA THR B 337 -9.64 -31.73 0.38
C THR B 337 -10.23 -30.48 -0.26
N ARG B 338 -11.35 -30.63 -1.00
CA ARG B 338 -11.98 -29.47 -1.63
C ARG B 338 -12.65 -28.60 -0.57
N GLY B 339 -13.28 -29.23 0.41
CA GLY B 339 -13.86 -28.49 1.54
C GLY B 339 -12.79 -27.77 2.35
N LEU B 340 -11.68 -28.47 2.71
CA LEU B 340 -10.57 -27.87 3.46
C LEU B 340 -9.84 -26.77 2.69
N ALA B 341 -9.70 -26.90 1.34
CA ALA B 341 -9.08 -25.88 0.50
C ALA B 341 -9.95 -24.60 0.52
N HIS B 342 -11.30 -24.75 0.53
CA HIS B 342 -12.19 -23.57 0.62
C HIS B 342 -12.10 -22.91 2.00
N ARG B 343 -12.12 -23.74 3.06
CA ARG B 343 -11.99 -23.29 4.46
C ARG B 343 -10.69 -22.44 4.59
N ALA B 344 -9.58 -22.94 3.99
CA ALA B 344 -8.27 -22.29 4.01
C ALA B 344 -8.28 -20.95 3.27
N LYS B 345 -9.01 -20.87 2.14
CA LYS B 345 -9.15 -19.64 1.36
C LYS B 345 -9.97 -18.60 2.17
N LEU B 346 -11.04 -19.05 2.86
CA LEU B 346 -11.85 -18.12 3.67
C LEU B 346 -11.05 -17.57 4.87
N ASP B 347 -10.24 -18.43 5.49
CA ASP B 347 -9.46 -18.12 6.69
C ASP B 347 -8.04 -17.60 6.41
N ASN B 348 -7.62 -17.53 5.14
CA ASN B 348 -6.27 -17.15 4.70
C ASN B 348 -5.25 -18.02 5.47
N ASN B 349 -5.53 -19.32 5.54
CA ASN B 349 -4.75 -20.30 6.28
C ASN B 349 -3.86 -21.04 5.29
N LYS B 350 -2.61 -20.59 5.15
CA LYS B 350 -1.64 -21.15 4.21
C LYS B 350 -1.29 -22.59 4.52
N GLU B 351 -1.19 -22.95 5.82
CA GLU B 351 -0.82 -24.31 6.23
C GLU B 351 -1.94 -25.30 5.84
N LEU B 352 -3.23 -24.88 6.00
CA LEU B 352 -4.36 -25.73 5.64
C LEU B 352 -4.46 -25.87 4.11
N ALA B 353 -4.20 -24.78 3.36
CA ALA B 353 -4.22 -24.78 1.91
C ALA B 353 -3.13 -25.74 1.38
N PHE B 354 -1.95 -25.72 2.04
CA PHE B 354 -0.84 -26.61 1.68
C PHE B 354 -1.25 -28.05 1.95
N PHE B 355 -1.84 -28.32 3.12
CA PHE B 355 -2.29 -29.67 3.51
C PHE B 355 -3.31 -30.25 2.48
N ALA B 356 -4.38 -29.47 2.16
CA ALA B 356 -5.43 -29.92 1.23
C ALA B 356 -4.84 -30.30 -0.11
N ASN B 357 -3.93 -29.47 -0.66
CA ASN B 357 -3.27 -29.76 -1.92
C ASN B 357 -2.34 -30.98 -1.82
N ALA B 358 -1.58 -31.11 -0.71
CA ALA B 358 -0.66 -32.24 -0.50
C ALA B 358 -1.43 -33.56 -0.48
N LEU B 359 -2.61 -33.60 0.18
CA LEU B 359 -3.40 -34.82 0.22
C LEU B 359 -3.94 -35.23 -1.19
N GLU B 360 -4.32 -34.25 -2.03
CA GLU B 360 -4.72 -34.52 -3.41
C GLU B 360 -3.54 -35.07 -4.23
N GLU B 361 -2.35 -34.46 -4.06
CA GLU B 361 -1.13 -34.91 -4.74
C GLU B 361 -0.76 -36.33 -4.33
N VAL B 362 -0.79 -36.62 -3.03
CA VAL B 362 -0.50 -37.95 -2.49
C VAL B 362 -1.45 -39.01 -3.08
N SER B 363 -2.75 -38.68 -3.17
CA SER B 363 -3.78 -39.58 -3.70
C SER B 363 -3.47 -39.96 -5.14
N ILE B 364 -3.19 -38.98 -5.99
CA ILE B 364 -2.87 -39.18 -7.40
C ILE B 364 -1.53 -39.91 -7.55
N GLU B 365 -0.49 -39.46 -6.81
CA GLU B 365 0.85 -40.07 -6.87
C GLU B 365 0.82 -41.53 -6.47
N THR B 366 -0.02 -41.90 -5.48
CA THR B 366 -0.11 -43.30 -5.01
C THR B 366 -0.66 -44.20 -6.12
N ILE B 367 -1.76 -43.79 -6.76
CA ILE B 367 -2.38 -44.53 -7.86
C ILE B 367 -1.43 -44.63 -9.04
N GLU B 368 -0.81 -43.51 -9.42
CA GLU B 368 0.15 -43.47 -10.53
C GLU B 368 1.40 -44.33 -10.29
N ALA B 369 1.72 -44.61 -9.02
CA ALA B 369 2.84 -45.51 -8.64
C ALA B 369 2.41 -46.98 -8.74
N GLY B 370 1.13 -47.23 -9.04
CA GLY B 370 0.61 -48.59 -9.20
C GLY B 370 -0.07 -49.20 -8.00
N PHE B 371 -0.36 -48.39 -6.95
CA PHE B 371 -1.03 -48.89 -5.75
C PHE B 371 -2.47 -48.39 -5.83
N MET B 372 -3.43 -49.32 -5.88
CA MET B 372 -4.83 -48.96 -6.07
C MET B 372 -5.75 -50.08 -5.64
N THR B 373 -7.06 -49.79 -5.63
CA THR B 373 -8.11 -50.71 -5.26
C THR B 373 -8.51 -51.55 -6.49
N LYS B 374 -9.22 -52.66 -6.28
CA LYS B 374 -9.62 -53.61 -7.32
C LYS B 374 -10.40 -52.95 -8.48
N ASP B 375 -11.34 -52.03 -8.14
CA ASP B 375 -12.17 -51.33 -9.13
C ASP B 375 -11.29 -50.54 -10.11
N LEU B 376 -10.23 -49.89 -9.60
CA LEU B 376 -9.30 -49.14 -10.47
C LEU B 376 -8.37 -50.07 -11.22
N ALA B 377 -7.91 -51.17 -10.56
CA ALA B 377 -7.03 -52.15 -11.24
C ALA B 377 -7.79 -52.77 -12.45
N ALA B 378 -9.12 -52.97 -12.29
CA ALA B 378 -9.94 -53.49 -13.40
C ALA B 378 -10.01 -52.52 -14.59
N CYS B 379 -9.94 -51.19 -14.35
CA CYS B 379 -9.90 -50.22 -15.45
C CYS B 379 -8.67 -50.41 -16.33
N ILE B 380 -7.54 -50.78 -15.71
CA ILE B 380 -6.27 -50.96 -16.45
C ILE B 380 -6.15 -52.32 -17.10
N LYS B 381 -6.46 -53.39 -16.36
CA LYS B 381 -6.27 -54.77 -16.85
C LYS B 381 -7.48 -55.45 -17.43
N GLY B 382 -8.68 -55.00 -17.04
CA GLY B 382 -9.92 -55.67 -17.36
C GLY B 382 -10.18 -56.61 -16.19
N LEU B 383 -11.40 -56.58 -15.62
CA LEU B 383 -11.75 -57.40 -14.44
C LEU B 383 -11.37 -58.91 -14.56
N PRO B 384 -11.56 -59.63 -15.71
CA PRO B 384 -11.17 -61.06 -15.75
C PRO B 384 -9.68 -61.32 -15.60
N ASN B 385 -8.83 -60.30 -15.81
CA ASN B 385 -7.37 -60.38 -15.73
C ASN B 385 -6.80 -59.93 -14.37
N VAL B 386 -7.66 -59.47 -13.46
CA VAL B 386 -7.21 -58.96 -12.16
C VAL B 386 -6.99 -60.12 -11.19
N GLN B 387 -5.80 -60.16 -10.60
CA GLN B 387 -5.44 -61.13 -9.56
C GLN B 387 -5.30 -60.36 -8.24
N ARG B 388 -5.36 -61.05 -7.10
CA ARG B 388 -5.20 -60.43 -5.77
C ARG B 388 -3.90 -59.60 -5.62
N SER B 389 -2.83 -60.03 -6.30
CA SER B 389 -1.54 -59.32 -6.29
C SER B 389 -1.58 -57.95 -7.02
N ASP B 390 -2.64 -57.67 -7.80
CA ASP B 390 -2.77 -56.40 -8.57
C ASP B 390 -3.36 -55.23 -7.78
N TYR B 391 -3.86 -55.48 -6.58
CA TYR B 391 -4.52 -54.39 -5.85
C TYR B 391 -4.36 -54.52 -4.35
N LEU B 392 -4.79 -53.46 -3.64
CA LEU B 392 -4.77 -53.40 -2.19
C LEU B 392 -6.21 -53.36 -1.71
N ASN B 393 -6.51 -53.97 -0.55
CA ASN B 393 -7.87 -53.88 -0.03
C ASN B 393 -8.06 -52.46 0.52
N THR B 394 -9.28 -52.10 0.93
CA THR B 394 -9.54 -50.73 1.36
C THR B 394 -8.61 -50.27 2.51
N PHE B 395 -8.41 -51.12 3.57
CA PHE B 395 -7.55 -50.78 4.72
C PHE B 395 -6.11 -50.62 4.26
N GLU B 396 -5.59 -51.56 3.45
CA GLU B 396 -4.20 -51.51 2.92
C GLU B 396 -3.98 -50.25 2.11
N PHE B 397 -4.97 -49.90 1.27
CA PHE B 397 -4.85 -48.72 0.43
C PHE B 397 -4.83 -47.44 1.27
N MET B 398 -5.72 -47.35 2.28
CA MET B 398 -5.79 -46.19 3.18
C MET B 398 -4.47 -46.07 3.98
N ASP B 399 -3.87 -47.21 4.39
CA ASP B 399 -2.59 -47.23 5.11
C ASP B 399 -1.48 -46.68 4.23
N LYS B 400 -1.46 -47.10 2.94
CA LYS B 400 -0.48 -46.66 1.95
C LYS B 400 -0.57 -45.14 1.74
N LEU B 401 -1.80 -44.63 1.62
CA LEU B 401 -2.04 -43.18 1.46
C LEU B 401 -1.55 -42.43 2.68
N GLY B 402 -1.86 -42.93 3.87
CA GLY B 402 -1.45 -42.36 5.15
C GLY B 402 0.05 -42.26 5.27
N GLU B 403 0.75 -43.32 4.87
CA GLU B 403 2.22 -43.37 4.85
C GLU B 403 2.78 -42.33 3.88
N ASN B 404 2.22 -42.28 2.66
CA ASN B 404 2.67 -41.30 1.69
C ASN B 404 2.36 -39.85 2.11
N LEU B 405 1.25 -39.64 2.82
CA LEU B 405 0.91 -38.30 3.29
C LEU B 405 1.88 -37.89 4.40
N LYS B 406 2.15 -38.79 5.36
CA LYS B 406 3.10 -38.54 6.48
C LYS B 406 4.44 -38.08 5.89
N ILE B 407 4.94 -38.81 4.87
CA ILE B 407 6.20 -38.52 4.19
C ILE B 407 6.19 -37.13 3.56
N LYS B 408 5.14 -36.82 2.75
CA LYS B 408 5.04 -35.53 2.07
C LYS B 408 5.04 -34.35 3.07
N LEU B 409 4.29 -34.49 4.15
CA LEU B 409 4.17 -33.46 5.19
C LEU B 409 5.45 -33.33 6.03
N ALA B 410 6.10 -34.45 6.38
CA ALA B 410 7.36 -34.44 7.12
C ALA B 410 8.45 -33.73 6.33
N GLN B 411 8.51 -33.96 5.00
CA GLN B 411 9.50 -33.33 4.12
C GLN B 411 9.25 -31.83 3.97
N ALA B 412 7.97 -31.42 3.94
CA ALA B 412 7.57 -30.02 3.84
C ALA B 412 8.01 -29.27 5.09
N LYS B 413 7.84 -29.90 6.30
CA LYS B 413 8.23 -29.34 7.59
C LYS B 413 9.76 -29.11 7.61
N LEU B 414 10.54 -30.08 7.07
CA LEU B 414 12.00 -30.00 6.98
C LEU B 414 12.45 -28.92 6.00
N SER B 415 11.68 -28.72 4.92
CA SER B 415 11.99 -27.73 3.87
C SER B 415 11.87 -26.28 4.33
N LEU B 416 11.29 -26.03 5.52
CA LEU B 416 11.11 -24.69 6.10
C LEU B 416 12.47 -24.10 6.49
N GLU B 417 12.93 -23.10 5.69
CA GLU B 417 14.23 -22.43 5.81
C GLU B 417 14.39 -21.61 7.10
N HIS B 418 15.32 -22.04 7.97
CA HIS B 418 15.63 -21.41 9.25
C HIS B 418 16.51 -20.18 9.07
N LYS C 3 38.98 46.77 29.75
CA LYS C 3 38.52 47.30 28.47
C LYS C 3 37.53 46.33 27.77
N LYS C 4 37.62 45.01 28.09
CA LYS C 4 36.72 44.01 27.50
C LYS C 4 35.33 44.12 28.11
N ILE C 5 34.29 43.85 27.29
CA ILE C 5 32.89 43.81 27.73
C ILE C 5 32.76 42.66 28.73
N SER C 6 32.02 42.89 29.82
CA SER C 6 31.75 41.87 30.83
C SER C 6 30.54 41.08 30.30
N GLY C 7 30.84 39.91 29.73
CA GLY C 7 29.87 39.07 29.03
C GLY C 7 28.89 38.22 29.83
N GLY C 8 29.28 37.82 31.04
CA GLY C 8 28.41 36.98 31.85
C GLY C 8 28.63 35.51 31.59
N SER C 9 27.70 34.67 32.08
CA SER C 9 27.80 33.22 32.01
C SER C 9 27.30 32.62 30.71
N VAL C 10 28.17 31.82 30.05
CA VAL C 10 27.85 31.16 28.77
C VAL C 10 28.36 29.74 28.82
N VAL C 11 27.54 28.78 28.39
CA VAL C 11 27.95 27.38 28.27
C VAL C 11 28.39 27.18 26.81
N GLU C 12 29.63 26.73 26.61
CA GLU C 12 30.06 26.46 25.24
C GLU C 12 30.29 24.98 25.06
N MET C 13 29.93 24.47 23.88
CA MET C 13 30.11 23.06 23.59
C MET C 13 30.99 22.94 22.38
N GLN C 14 32.22 22.43 22.56
CA GLN C 14 33.17 22.20 21.47
C GLN C 14 32.72 21.00 20.65
N GLY C 15 33.06 20.99 19.37
CA GLY C 15 32.62 19.94 18.46
C GLY C 15 33.70 19.19 17.73
N ASP C 16 33.41 18.86 16.46
CA ASP C 16 34.27 17.98 15.68
C ASP C 16 34.82 18.52 14.38
N GLU C 17 35.93 17.87 13.94
CA GLU C 17 36.57 18.06 12.64
C GLU C 17 36.80 19.53 12.23
N MET C 18 36.35 19.95 11.03
CA MET C 18 36.65 21.31 10.55
C MET C 18 36.01 22.39 11.40
N THR C 19 34.76 22.16 11.82
CA THR C 19 34.05 23.12 12.67
C THR C 19 34.73 23.29 14.02
N ARG C 20 35.42 22.25 14.54
CA ARG C 20 36.15 22.38 15.80
C ARG C 20 37.33 23.39 15.62
N ILE C 21 38.04 23.31 14.49
CA ILE C 21 39.15 24.23 14.17
C ILE C 21 38.60 25.66 14.06
N ILE C 22 37.52 25.83 13.30
CA ILE C 22 36.86 27.12 13.09
C ILE C 22 36.37 27.73 14.40
N TRP C 23 35.79 26.91 15.29
CA TRP C 23 35.25 27.32 16.60
C TRP C 23 36.37 28.02 17.45
N GLU C 24 37.59 27.44 17.44
CA GLU C 24 38.75 27.97 18.16
C GLU C 24 39.19 29.30 17.54
N LEU C 25 39.23 29.39 16.19
CA LEU C 25 39.56 30.61 15.46
C LEU C 25 38.55 31.72 15.80
N ILE C 26 37.24 31.37 15.89
CA ILE C 26 36.22 32.36 16.24
C ILE C 26 36.46 32.94 17.63
N LYS C 27 36.68 32.06 18.64
CA LYS C 27 36.93 32.50 20.01
C LYS C 27 38.18 33.39 20.09
N GLU C 28 39.27 32.95 19.47
CA GLU C 28 40.55 33.65 19.52
C GLU C 28 40.57 34.98 18.78
N LYS C 29 39.97 35.03 17.57
CA LYS C 29 40.01 36.23 16.74
C LYS C 29 38.82 37.17 16.90
N LEU C 30 37.64 36.65 17.21
CA LEU C 30 36.45 37.49 17.21
C LEU C 30 35.77 37.73 18.53
N ILE C 31 35.86 36.79 19.45
CA ILE C 31 35.13 36.93 20.73
C ILE C 31 36.04 37.39 21.88
N PHE C 32 37.05 36.57 22.23
CA PHE C 32 37.96 36.80 23.37
C PHE C 32 38.68 38.15 23.33
N PRO C 33 39.08 38.75 22.18
CA PRO C 33 39.73 40.08 22.26
C PRO C 33 38.79 41.20 22.75
N TYR C 34 37.46 40.97 22.74
CA TYR C 34 36.49 42.03 23.09
C TYR C 34 35.56 41.71 24.22
N VAL C 35 35.42 40.43 24.56
CA VAL C 35 34.42 40.01 25.58
C VAL C 35 35.08 39.08 26.55
N GLU C 36 34.85 39.33 27.84
CA GLU C 36 35.34 38.48 28.92
C GLU C 36 34.12 37.71 29.37
N LEU C 37 34.23 36.38 29.40
CA LEU C 37 33.08 35.58 29.78
C LEU C 37 33.34 34.69 30.95
N ASP C 38 32.29 34.34 31.69
CA ASP C 38 32.34 33.28 32.70
C ASP C 38 31.94 32.06 31.84
N LEU C 39 32.93 31.45 31.17
CA LEU C 39 32.71 30.39 30.20
C LEU C 39 32.72 28.98 30.81
N HIS C 40 31.63 28.23 30.62
CA HIS C 40 31.54 26.85 31.13
C HIS C 40 31.73 25.96 29.91
N SER C 41 32.94 25.42 29.74
CA SER C 41 33.30 24.66 28.54
C SER C 41 33.10 23.17 28.67
N TYR C 42 32.42 22.58 27.68
CA TYR C 42 32.17 21.15 27.60
C TYR C 42 32.68 20.68 26.28
N ASP C 43 33.56 19.69 26.29
CA ASP C 43 34.09 19.19 25.03
C ASP C 43 33.16 18.07 24.50
N LEU C 44 32.34 18.42 23.47
CA LEU C 44 31.44 17.44 22.84
C LEU C 44 32.10 16.83 21.59
N GLY C 45 33.42 16.88 21.51
CA GLY C 45 34.16 16.20 20.46
C GLY C 45 33.88 14.70 20.62
N ILE C 46 33.85 13.96 19.51
CA ILE C 46 33.49 12.52 19.53
C ILE C 46 34.37 11.68 20.49
N GLU C 47 35.67 12.01 20.59
CA GLU C 47 36.62 11.30 21.45
C GLU C 47 36.24 11.49 22.92
N ASN C 48 35.83 12.74 23.30
CA ASN C 48 35.43 13.02 24.68
C ASN C 48 34.09 12.43 25.03
N ARG C 49 33.15 12.40 24.08
CA ARG C 49 31.85 11.75 24.34
C ARG C 49 32.10 10.25 24.54
N ASP C 50 33.02 9.66 23.74
CA ASP C 50 33.34 8.22 23.89
C ASP C 50 34.00 7.94 25.26
N ALA C 51 34.99 8.79 25.65
CA ALA C 51 35.71 8.68 26.93
C ALA C 51 34.80 8.79 28.16
N THR C 52 33.74 9.62 28.08
CA THR C 52 32.82 9.84 29.20
C THR C 52 31.53 9.03 29.08
N ASN C 53 31.48 8.10 28.11
CA ASN C 53 30.27 7.30 27.83
C ASN C 53 29.05 8.21 27.62
N ASP C 54 29.27 9.32 26.89
CA ASP C 54 28.29 10.34 26.53
C ASP C 54 27.79 11.19 27.71
N GLN C 55 28.42 11.06 28.90
CA GLN C 55 28.01 11.85 30.08
C GLN C 55 28.23 13.35 29.90
N VAL C 56 29.30 13.74 29.20
CA VAL C 56 29.62 15.16 28.95
C VAL C 56 28.45 15.88 28.27
N THR C 57 27.71 15.16 27.39
CA THR C 57 26.56 15.70 26.66
C THR C 57 25.46 16.06 27.65
N LYS C 58 25.15 15.15 28.59
CA LYS C 58 24.10 15.37 29.61
C LYS C 58 24.52 16.48 30.57
N ASP C 59 25.81 16.51 30.93
CA ASP C 59 26.38 17.58 31.81
C ASP C 59 26.22 18.94 31.15
N ALA C 60 26.52 19.03 29.84
CA ALA C 60 26.39 20.29 29.10
C ALA C 60 24.95 20.78 29.11
N ALA C 61 23.98 19.87 28.88
CA ALA C 61 22.53 20.19 28.88
C ALA C 61 22.09 20.73 30.24
N GLU C 62 22.53 20.08 31.33
CA GLU C 62 22.27 20.54 32.70
C GLU C 62 22.89 21.92 32.97
N ALA C 63 24.09 22.19 32.43
CA ALA C 63 24.72 23.51 32.58
C ALA C 63 23.92 24.59 31.85
N ILE C 64 23.30 24.26 30.70
CA ILE C 64 22.48 25.22 29.95
C ILE C 64 21.24 25.55 30.80
N LYS C 65 20.61 24.55 31.42
CA LYS C 65 19.43 24.78 32.28
C LYS C 65 19.81 25.76 33.41
N LYS C 66 21.02 25.60 33.97
CA LYS C 66 21.52 26.44 35.06
C LYS C 66 21.86 27.86 34.61
N HIS C 67 22.66 28.00 33.53
CA HIS C 67 23.16 29.31 33.09
C HIS C 67 22.35 30.02 32.00
N ASN C 68 21.33 29.34 31.43
CA ASN C 68 20.34 29.84 30.44
C ASN C 68 20.85 30.14 29.03
N VAL C 69 22.17 30.03 28.77
CA VAL C 69 22.61 30.26 27.40
C VAL C 69 23.73 29.27 27.06
N GLY C 70 23.51 28.58 25.94
CA GLY C 70 24.45 27.63 25.37
C GLY C 70 24.77 28.02 23.95
N VAL C 71 26.01 27.76 23.51
CA VAL C 71 26.49 27.99 22.16
C VAL C 71 27.19 26.72 21.77
N LYS C 72 26.67 26.03 20.73
CA LYS C 72 27.19 24.73 20.35
C LYS C 72 27.82 24.67 18.97
N CYS C 73 28.99 24.06 18.93
CA CYS C 73 29.71 23.77 17.70
C CYS C 73 29.13 22.48 17.06
N ALA C 74 29.18 22.37 15.71
CA ALA C 74 28.70 21.17 15.00
C ALA C 74 29.46 19.93 15.48
N THR C 75 28.74 18.83 15.71
CA THR C 75 29.30 17.55 16.18
C THR C 75 28.98 16.38 15.23
N ILE C 76 29.74 15.27 15.38
CA ILE C 76 29.52 14.04 14.63
C ILE C 76 28.46 13.19 15.38
N THR C 77 27.41 12.71 14.67
CA THR C 77 26.47 11.69 15.17
C THR C 77 27.00 10.40 14.49
N PRO C 78 27.62 9.50 15.27
CA PRO C 78 28.27 8.35 14.65
C PRO C 78 27.39 7.28 14.06
N ASP C 79 27.87 6.73 12.94
CA ASP C 79 27.28 5.58 12.25
C ASP C 79 28.37 4.48 12.32
N GLU C 80 28.19 3.36 11.60
CA GLU C 80 29.13 2.24 11.58
C GLU C 80 30.54 2.65 11.15
N LYS C 81 30.65 3.52 10.13
CA LYS C 81 31.97 3.98 9.64
C LYS C 81 32.71 4.80 10.71
N ARG C 82 31.99 5.64 11.46
CA ARG C 82 32.60 6.47 12.54
C ARG C 82 33.06 5.60 13.70
N VAL C 83 32.30 4.51 14.00
CA VAL C 83 32.65 3.56 15.06
C VAL C 83 34.03 2.96 14.68
N GLU C 84 34.22 2.62 13.39
CA GLU C 84 35.51 2.07 12.91
C GLU C 84 36.65 3.11 12.95
N GLU C 85 36.36 4.31 12.44
CA GLU C 85 37.32 5.41 12.36
C GLU C 85 37.83 5.85 13.74
N PHE C 86 36.91 6.04 14.71
CA PHE C 86 37.29 6.51 16.03
C PHE C 86 37.43 5.44 17.09
N LYS C 87 37.26 4.15 16.71
CA LYS C 87 37.37 3.01 17.63
C LYS C 87 36.42 3.22 18.82
N LEU C 88 35.14 3.57 18.52
CA LEU C 88 34.15 3.87 19.56
C LEU C 88 33.67 2.63 20.29
N LYS C 89 33.25 2.81 21.56
CA LYS C 89 32.74 1.74 22.41
C LYS C 89 31.31 1.41 22.01
N GLN C 90 30.57 2.46 21.57
CA GLN C 90 29.16 2.37 21.20
C GLN C 90 28.89 3.36 20.05
N MET C 91 27.80 3.14 19.32
CA MET C 91 27.33 4.05 18.30
C MET C 91 26.47 5.09 19.04
N TRP C 92 27.14 6.09 19.65
CA TRP C 92 26.52 7.14 20.47
C TRP C 92 25.38 7.84 19.78
N LYS C 93 24.36 8.22 20.56
CA LYS C 93 23.20 8.90 20.01
C LYS C 93 23.57 10.34 19.71
N SER C 94 22.82 10.95 18.82
CA SER C 94 23.03 12.35 18.46
C SER C 94 23.10 13.23 19.71
N PRO C 95 24.18 14.03 19.90
CA PRO C 95 24.24 14.95 21.05
C PRO C 95 23.19 16.06 20.97
N ASN C 96 22.79 16.46 19.74
CA ASN C 96 21.76 17.49 19.52
C ASN C 96 20.41 16.95 20.02
N GLY C 97 20.10 15.70 19.63
CA GLY C 97 18.90 15.00 20.11
C GLY C 97 18.88 14.96 21.64
N THR C 98 20.01 14.56 22.27
CA THR C 98 20.12 14.46 23.75
C THR C 98 19.85 15.81 24.41
N ILE C 99 20.53 16.88 23.94
CA ILE C 99 20.36 18.21 24.54
C ILE C 99 18.92 18.71 24.36
N ARG C 100 18.38 18.61 23.13
CA ARG C 100 17.03 19.08 22.82
C ARG C 100 15.98 18.30 23.60
N ASN C 101 16.17 16.99 23.77
CA ASN C 101 15.21 16.20 24.54
C ASN C 101 15.23 16.57 26.03
N ILE C 102 16.39 16.96 26.58
CA ILE C 102 16.50 17.38 27.99
C ILE C 102 15.90 18.78 28.17
N LEU C 103 16.23 19.71 27.27
CA LEU C 103 15.76 21.08 27.41
C LEU C 103 14.34 21.34 26.93
N GLY C 104 13.95 20.67 25.83
CA GLY C 104 12.67 20.84 25.18
C GLY C 104 12.63 22.17 24.45
N GLY C 105 11.50 22.46 23.83
CA GLY C 105 11.29 23.73 23.16
C GLY C 105 11.14 23.63 21.65
N THR C 106 11.46 24.74 20.98
CA THR C 106 11.33 24.90 19.53
C THR C 106 12.64 25.47 18.99
N VAL C 107 13.17 24.85 17.91
CA VAL C 107 14.38 25.32 17.25
C VAL C 107 13.95 26.24 16.11
N PHE C 108 14.26 27.54 16.23
CA PHE C 108 13.92 28.52 15.21
C PHE C 108 15.07 28.66 14.24
N ARG C 109 14.78 28.48 12.95
CA ARG C 109 15.78 28.50 11.88
C ARG C 109 15.41 29.49 10.82
N GLU C 110 16.42 30.24 10.33
CA GLU C 110 16.21 31.28 9.34
C GLU C 110 17.48 31.47 8.55
N ALA C 111 17.34 31.69 7.24
CA ALA C 111 18.50 31.93 6.37
C ALA C 111 19.23 33.22 6.78
N ILE C 112 20.55 33.26 6.56
CA ILE C 112 21.37 34.46 6.78
C ILE C 112 21.55 35.04 5.38
N ILE C 113 20.92 36.18 5.12
CA ILE C 113 20.94 36.77 3.77
C ILE C 113 22.09 37.75 3.50
N CYS C 114 22.78 37.50 2.38
CA CYS C 114 23.81 38.35 1.78
C CYS C 114 23.28 38.70 0.39
N LYS C 115 23.06 40.00 0.12
CA LYS C 115 22.50 40.53 -1.14
C LYS C 115 23.18 40.03 -2.42
N ASN C 116 24.46 39.66 -2.37
CA ASN C 116 25.23 39.20 -3.53
C ASN C 116 25.20 37.68 -3.74
N ILE C 117 24.55 36.93 -2.82
CA ILE C 117 24.44 35.47 -2.97
C ILE C 117 23.09 35.23 -3.65
N PRO C 118 23.08 34.65 -4.87
CA PRO C 118 21.78 34.45 -5.54
C PRO C 118 20.92 33.39 -4.86
N ARG C 119 19.62 33.66 -4.74
CA ARG C 119 18.66 32.67 -4.23
C ARG C 119 18.46 31.64 -5.34
N LEU C 120 18.13 30.41 -4.97
CA LEU C 120 17.82 29.35 -5.94
C LEU C 120 16.33 29.34 -6.24
N VAL C 121 15.54 29.94 -5.35
CA VAL C 121 14.09 30.07 -5.48
C VAL C 121 13.84 31.59 -5.67
N SER C 122 13.61 32.00 -6.91
CA SER C 122 13.37 33.38 -7.36
C SER C 122 12.32 34.15 -6.58
N GLY C 123 11.18 33.53 -6.34
CA GLY C 123 10.05 34.15 -5.64
C GLY C 123 10.25 34.55 -4.20
N TRP C 124 11.22 33.94 -3.49
CA TRP C 124 11.40 34.19 -2.04
C TRP C 124 12.01 35.58 -1.70
N VAL C 125 11.19 36.63 -1.72
CA VAL C 125 11.62 38.02 -1.48
C VAL C 125 11.57 38.40 0.00
N LYS C 126 10.81 37.63 0.81
CA LYS C 126 10.72 37.83 2.25
C LYS C 126 11.23 36.56 2.97
N PRO C 127 11.71 36.65 4.23
CA PRO C 127 12.25 35.46 4.89
C PRO C 127 11.19 34.44 5.32
N ILE C 128 11.63 33.21 5.52
CA ILE C 128 10.79 32.15 6.02
C ILE C 128 11.43 31.72 7.32
N ILE C 129 10.66 31.68 8.40
CA ILE C 129 11.19 31.21 9.67
C ILE C 129 10.56 29.87 9.98
N ILE C 130 11.40 28.82 10.19
CA ILE C 130 10.89 27.51 10.54
C ILE C 130 11.00 27.38 12.07
N GLY C 131 9.90 26.97 12.69
CA GLY C 131 9.82 26.65 14.10
C GLY C 131 9.74 25.14 14.21
N ARG C 132 10.89 24.49 14.38
CA ARG C 132 11.02 23.03 14.47
C ARG C 132 10.82 22.55 15.93
N HIS C 133 9.73 21.76 16.18
CA HIS C 133 9.48 21.17 17.50
C HIS C 133 10.72 20.35 17.86
N ALA C 134 11.37 20.66 18.99
CA ALA C 134 12.65 20.04 19.32
C ALA C 134 12.61 18.76 20.12
N TYR C 135 11.41 18.32 20.50
CA TYR C 135 11.27 17.14 21.36
C TYR C 135 10.54 15.96 20.71
N GLY C 136 10.94 14.73 21.07
CA GLY C 136 10.27 13.50 20.73
C GLY C 136 10.29 13.08 19.28
N ASP C 137 9.24 12.33 18.87
CA ASP C 137 9.07 11.73 17.56
C ASP C 137 10.31 10.86 17.26
N GLN C 138 10.87 10.93 16.04
CA GLN C 138 12.02 10.08 15.64
C GLN C 138 13.24 10.23 16.52
N TYR C 139 13.41 11.39 17.17
CA TYR C 139 14.59 11.72 17.96
C TYR C 139 14.58 11.11 19.36
N ARG C 140 13.45 10.49 19.77
CA ARG C 140 13.39 9.76 21.04
C ARG C 140 12.69 8.43 20.85
N ALA C 141 12.85 7.86 19.64
CA ALA C 141 12.21 6.62 19.24
C ALA C 141 12.96 5.39 19.69
N THR C 142 12.26 4.26 19.73
CA THR C 142 12.86 2.96 20.06
C THR C 142 12.71 2.14 18.78
N ASP C 143 13.81 1.86 18.09
CA ASP C 143 13.74 1.13 16.82
C ASP C 143 14.60 -0.09 16.93
N PHE C 144 14.26 -1.14 16.17
CA PHE C 144 15.01 -2.40 16.19
C PHE C 144 14.82 -3.18 14.92
N VAL C 145 15.76 -4.10 14.68
CA VAL C 145 15.70 -5.03 13.56
C VAL C 145 14.82 -6.18 14.02
N VAL C 146 13.89 -6.63 13.15
CA VAL C 146 13.06 -7.79 13.43
C VAL C 146 13.82 -8.93 12.76
N PRO C 147 14.47 -9.85 13.52
CA PRO C 147 15.35 -10.84 12.89
C PRO C 147 14.66 -11.92 12.07
N GLY C 148 13.39 -12.16 12.35
CA GLY C 148 12.63 -13.17 11.65
C GLY C 148 11.15 -13.16 11.98
N PRO C 149 10.44 -14.22 11.58
CA PRO C 149 8.99 -14.27 11.84
C PRO C 149 8.58 -14.08 13.29
N GLY C 150 7.46 -13.44 13.48
CA GLY C 150 6.93 -13.17 14.81
C GLY C 150 6.05 -11.95 14.86
N LYS C 151 5.50 -11.64 16.04
CA LYS C 151 4.59 -10.52 16.19
C LYS C 151 5.23 -9.33 16.84
N VAL C 152 4.94 -8.13 16.30
CA VAL C 152 5.36 -6.87 16.91
C VAL C 152 4.06 -6.23 17.35
N GLU C 153 3.98 -5.90 18.62
CA GLU C 153 2.81 -5.28 19.25
C GLU C 153 3.24 -4.07 20.01
N ILE C 154 2.31 -3.09 20.13
CA ILE C 154 2.54 -1.90 20.92
C ILE C 154 1.43 -1.83 21.96
N THR C 155 1.77 -1.59 23.22
CA THR C 155 0.79 -1.64 24.30
C THR C 155 0.80 -0.39 25.12
N TYR C 156 -0.36 -0.05 25.64
CA TYR C 156 -0.50 1.05 26.55
C TYR C 156 -1.14 0.50 27.81
N THR C 157 -0.52 0.79 28.98
CA THR C 157 -1.03 0.39 30.28
C THR C 157 -1.15 1.65 31.15
N PRO C 158 -2.37 2.15 31.43
CA PRO C 158 -2.49 3.34 32.32
C PRO C 158 -1.87 3.05 33.68
N SER C 159 -1.33 4.09 34.36
CA SER C 159 -0.64 3.92 35.64
C SER C 159 -1.54 3.31 36.76
N ASP C 160 -2.87 3.58 36.77
CA ASP C 160 -3.82 2.98 37.74
C ASP C 160 -3.95 1.43 37.65
N GLY C 161 -3.34 0.82 36.62
CA GLY C 161 -3.33 -0.62 36.40
C GLY C 161 -4.65 -1.30 36.06
N THR C 162 -5.73 -0.54 35.79
CA THR C 162 -7.06 -1.07 35.55
C THR C 162 -7.36 -1.48 34.07
N GLN C 163 -6.45 -1.20 33.13
CA GLN C 163 -6.68 -1.58 31.73
C GLN C 163 -5.39 -1.79 30.99
N LYS C 164 -5.48 -2.49 29.87
CA LYS C 164 -4.33 -2.72 29.00
C LYS C 164 -4.84 -2.74 27.57
N VAL C 165 -4.21 -1.96 26.69
CA VAL C 165 -4.58 -1.93 25.27
C VAL C 165 -3.36 -2.42 24.49
N THR C 166 -3.54 -3.46 23.67
CA THR C 166 -2.47 -4.01 22.84
C THR C 166 -2.90 -3.86 21.39
N TYR C 167 -2.03 -3.28 20.56
CA TYR C 167 -2.25 -3.13 19.14
C TYR C 167 -1.25 -3.97 18.40
N LEU C 168 -1.67 -4.65 17.36
CA LEU C 168 -0.74 -5.41 16.56
C LEU C 168 -0.10 -4.42 15.59
N VAL C 169 1.23 -4.38 15.55
CA VAL C 169 1.90 -3.50 14.61
C VAL C 169 2.00 -4.28 13.31
N HIS C 170 2.52 -5.50 13.38
CA HIS C 170 2.66 -6.38 12.25
C HIS C 170 2.97 -7.79 12.69
N ASN C 171 2.41 -8.76 11.96
CA ASN C 171 2.75 -10.17 12.16
C ASN C 171 3.68 -10.52 10.99
N PHE C 172 4.97 -10.67 11.29
CA PHE C 172 5.96 -11.03 10.27
C PHE C 172 5.80 -12.54 10.05
N GLU C 173 5.19 -12.94 8.93
CA GLU C 173 4.91 -14.35 8.65
C GLU C 173 6.11 -15.06 8.06
N GLU C 174 6.82 -14.39 7.16
CA GLU C 174 8.01 -14.91 6.50
C GLU C 174 9.07 -13.81 6.47
N GLY C 175 10.25 -14.12 6.97
CA GLY C 175 11.35 -13.17 7.01
C GLY C 175 11.18 -12.13 8.11
N GLY C 176 12.11 -11.18 8.12
CA GLY C 176 12.10 -10.13 9.12
C GLY C 176 11.93 -8.75 8.52
N GLY C 177 12.46 -7.77 9.21
CA GLY C 177 12.38 -6.39 8.76
C GLY C 177 12.82 -5.47 9.86
N VAL C 178 12.04 -4.41 10.11
CA VAL C 178 12.32 -3.40 11.11
C VAL C 178 11.02 -2.96 11.76
N ALA C 179 11.10 -2.42 12.97
CA ALA C 179 9.93 -1.89 13.67
C ALA C 179 10.38 -0.78 14.59
N MET C 180 9.44 0.08 14.99
CA MET C 180 9.77 1.15 15.91
C MET C 180 8.55 1.67 16.59
N GLY C 181 8.76 2.24 17.75
CA GLY C 181 7.75 2.96 18.50
C GLY C 181 8.27 4.38 18.71
N MET C 182 7.36 5.35 18.70
CA MET C 182 7.73 6.72 18.97
C MET C 182 6.56 7.40 19.64
N TYR C 183 6.81 8.55 20.23
CA TYR C 183 5.78 9.24 21.01
C TYR C 183 6.05 10.74 21.02
N ASN C 184 5.05 11.47 21.52
CA ASN C 184 5.18 12.85 21.86
C ASN C 184 4.31 13.15 23.08
N GLN C 185 4.56 14.28 23.75
CA GLN C 185 3.85 14.65 24.97
C GLN C 185 2.99 15.85 24.73
N ASP C 186 1.78 15.86 25.30
CA ASP C 186 0.86 16.99 25.15
C ASP C 186 1.46 18.33 25.59
N LYS C 187 2.14 18.38 26.76
CA LYS C 187 2.73 19.63 27.28
C LYS C 187 3.79 20.17 26.29
N SER C 188 4.63 19.27 25.75
CA SER C 188 5.64 19.67 24.77
C SER C 188 5.00 20.25 23.51
N ILE C 189 3.89 19.63 23.02
CA ILE C 189 3.15 20.11 21.84
C ILE C 189 2.52 21.48 22.16
N GLU C 190 1.94 21.63 23.37
CA GLU C 190 1.36 22.94 23.77
C GLU C 190 2.42 24.06 23.79
N ASP C 191 3.63 23.76 24.34
CA ASP C 191 4.73 24.73 24.39
C ASP C 191 5.16 25.08 22.95
N PHE C 192 5.20 24.08 22.06
CA PHE C 192 5.56 24.28 20.65
C PHE C 192 4.51 25.20 20.02
N ALA C 193 3.23 24.96 20.32
CA ALA C 193 2.16 25.81 19.80
C ALA C 193 2.34 27.25 20.29
N HIS C 194 2.49 27.47 21.62
CA HIS C 194 2.69 28.82 22.18
C HIS C 194 3.91 29.50 21.55
N SER C 195 5.06 28.82 21.45
CA SER C 195 6.25 29.45 20.84
C SER C 195 6.04 29.91 19.39
N SER C 196 5.30 29.10 18.59
CA SER C 196 4.95 29.35 17.18
C SER C 196 4.04 30.56 17.05
N PHE C 197 2.94 30.60 17.81
CA PHE C 197 2.01 31.75 17.77
C PHE C 197 2.70 33.06 18.21
N GLN C 198 3.54 32.99 19.25
CA GLN C 198 4.29 34.15 19.77
C GLN C 198 5.31 34.66 18.75
N MET C 199 6.00 33.75 18.04
CA MET C 199 6.99 34.11 16.99
C MET C 199 6.28 34.86 15.84
N ALA C 200 5.11 34.33 15.41
CA ALA C 200 4.30 34.95 14.35
C ALA C 200 3.87 36.38 14.74
N LEU C 201 3.36 36.57 15.97
CA LEU C 201 2.93 37.87 16.49
C LEU C 201 4.11 38.86 16.60
N SER C 202 5.29 38.35 17.00
CA SER C 202 6.51 39.15 17.10
C SER C 202 7.01 39.62 15.72
N LYS C 203 6.82 38.81 14.66
CA LYS C 203 7.26 39.17 13.30
C LYS C 203 6.21 39.89 12.48
N GLY C 204 4.95 39.71 12.86
CA GLY C 204 3.82 40.26 12.13
C GLY C 204 3.55 39.47 10.86
N TRP C 205 3.87 38.15 10.89
CA TRP C 205 3.69 37.27 9.74
C TRP C 205 2.69 36.15 10.03
N PRO C 206 1.99 35.60 9.01
CA PRO C 206 1.09 34.46 9.27
C PRO C 206 1.86 33.20 9.66
N LEU C 207 1.14 32.26 10.29
CA LEU C 207 1.72 31.01 10.77
C LEU C 207 1.05 29.83 10.07
N TYR C 208 1.87 28.83 9.67
CA TYR C 208 1.35 27.59 9.11
C TYR C 208 1.91 26.44 9.88
N LEU C 209 1.06 25.48 10.26
CA LEU C 209 1.53 24.22 10.86
C LEU C 209 1.34 23.13 9.80
N SER C 210 2.36 22.27 9.60
CA SER C 210 2.25 21.17 8.66
C SER C 210 2.21 19.82 9.43
N THR C 211 1.28 18.93 9.02
CA THR C 211 1.17 17.57 9.58
C THR C 211 0.67 16.66 8.44
N LYS C 212 0.48 15.38 8.73
CA LYS C 212 -0.12 14.46 7.76
C LYS C 212 -1.25 13.77 8.53
N ASN C 213 -2.19 14.58 9.07
CA ASN C 213 -3.29 14.09 9.91
C ASN C 213 -4.29 13.21 9.18
N THR C 214 -4.29 13.22 7.84
CA THR C 214 -5.19 12.34 7.07
C THR C 214 -4.68 10.89 7.13
N ILE C 215 -3.38 10.71 7.41
CA ILE C 215 -2.74 9.39 7.51
C ILE C 215 -2.56 9.00 8.97
N LEU C 216 -1.89 9.84 9.77
CA LEU C 216 -1.73 9.60 11.20
C LEU C 216 -2.81 10.42 11.87
N LYS C 217 -4.03 9.87 11.84
CA LYS C 217 -5.23 10.56 12.33
C LYS C 217 -5.17 10.90 13.81
N LYS C 218 -4.55 10.01 14.62
CA LYS C 218 -4.45 10.26 16.06
C LYS C 218 -3.19 11.04 16.42
N TYR C 219 -2.03 10.57 15.93
CA TYR C 219 -0.74 11.19 16.24
C TYR C 219 -0.64 12.63 15.74
N ASP C 220 -0.79 12.84 14.40
CA ASP C 220 -0.74 14.18 13.80
C ASP C 220 -2.01 14.95 14.09
N GLY C 221 -3.13 14.26 14.24
CA GLY C 221 -4.39 14.88 14.61
C GLY C 221 -4.27 15.63 15.92
N ARG C 222 -3.49 15.08 16.89
CA ARG C 222 -3.28 15.73 18.20
C ARG C 222 -2.54 17.05 18.05
N PHE C 223 -1.52 17.11 17.17
CA PHE C 223 -0.79 18.36 16.93
C PHE C 223 -1.75 19.38 16.34
N LYS C 224 -2.53 18.97 15.31
CA LYS C 224 -3.52 19.86 14.66
C LYS C 224 -4.53 20.40 15.68
N ASP C 225 -5.09 19.51 16.52
CA ASP C 225 -6.10 19.90 17.53
C ASP C 225 -5.55 20.83 18.62
N ILE C 226 -4.34 20.53 19.15
CA ILE C 226 -3.74 21.37 20.19
C ILE C 226 -3.48 22.80 19.65
N PHE C 227 -2.94 22.93 18.43
CA PHE C 227 -2.71 24.26 17.85
C PHE C 227 -4.03 25.02 17.62
N GLN C 228 -5.08 24.35 17.09
CA GLN C 228 -6.37 25.01 16.81
C GLN C 228 -7.02 25.53 18.08
N GLU C 229 -6.98 24.74 19.18
CA GLU C 229 -7.57 25.10 20.46
C GLU C 229 -6.84 26.27 21.10
N ILE C 230 -5.49 26.23 21.09
CA ILE C 230 -4.69 27.32 21.67
C ILE C 230 -4.91 28.60 20.89
N TYR C 231 -4.99 28.50 19.55
CA TYR C 231 -5.25 29.65 18.69
C TYR C 231 -6.61 30.30 19.02
N ASP C 232 -7.69 29.52 18.92
CA ASP C 232 -9.07 29.97 19.14
C ASP C 232 -9.31 30.57 20.51
N LYS C 233 -8.67 30.00 21.53
CA LYS C 233 -8.82 30.42 22.92
C LYS C 233 -7.84 31.48 23.38
N GLN C 234 -6.66 31.62 22.74
CA GLN C 234 -5.67 32.55 23.26
C GLN C 234 -5.04 33.52 22.26
N TYR C 235 -5.14 33.27 20.94
CA TYR C 235 -4.43 34.16 20.00
C TYR C 235 -5.20 34.67 18.79
N LYS C 236 -6.38 34.11 18.46
CA LYS C 236 -7.15 34.52 17.27
C LYS C 236 -7.34 36.04 17.15
N SER C 237 -7.73 36.72 18.24
CA SER C 237 -7.96 38.18 18.23
C SER C 237 -6.67 38.97 18.01
N GLN C 238 -5.55 38.55 18.64
CA GLN C 238 -4.24 39.19 18.46
C GLN C 238 -3.76 39.07 17.00
N PHE C 239 -4.01 37.91 16.35
CA PHE C 239 -3.67 37.66 14.95
C PHE C 239 -4.51 38.57 14.04
N GLU C 240 -5.83 38.61 14.29
CA GLU C 240 -6.77 39.45 13.54
C GLU C 240 -6.42 40.93 13.66
N ALA C 241 -6.03 41.39 14.87
CA ALA C 241 -5.62 42.78 15.12
C ALA C 241 -4.39 43.15 14.29
N GLN C 242 -3.45 42.20 14.08
CA GLN C 242 -2.24 42.41 13.30
C GLN C 242 -2.40 42.05 11.83
N LYS C 243 -3.65 41.73 11.38
CA LYS C 243 -4.01 41.35 9.99
C LYS C 243 -3.26 40.07 9.50
N ILE C 244 -3.02 39.14 10.44
CA ILE C 244 -2.37 37.86 10.15
C ILE C 244 -3.31 36.69 10.46
N TRP C 245 -2.89 35.46 10.17
CA TRP C 245 -3.75 34.30 10.38
C TRP C 245 -2.89 33.08 10.67
N TYR C 246 -3.57 32.06 11.17
CA TYR C 246 -2.97 30.76 11.40
C TYR C 246 -3.76 29.77 10.54
N GLU C 247 -3.06 28.85 9.86
CA GLU C 247 -3.71 27.76 9.13
C GLU C 247 -2.91 26.47 9.18
N HIS C 248 -3.61 25.35 9.25
CA HIS C 248 -2.99 24.02 9.19
C HIS C 248 -2.88 23.66 7.71
N ARG C 249 -1.81 22.97 7.30
CA ARG C 249 -1.66 22.47 5.94
C ARG C 249 -1.12 21.04 6.02
N LEU C 250 -1.49 20.18 5.05
CA LEU C 250 -0.89 18.86 4.95
C LEU C 250 0.55 19.10 4.48
N ILE C 251 1.50 18.33 5.00
CA ILE C 251 2.93 18.52 4.74
C ILE C 251 3.28 18.57 3.25
N ASP C 252 2.78 17.64 2.43
CA ASP C 252 3.09 17.63 0.98
C ASP C 252 2.53 18.87 0.28
N ASP C 253 1.33 19.32 0.68
CA ASP C 253 0.74 20.57 0.19
C ASP C 253 1.59 21.79 0.66
N MET C 254 2.03 21.79 1.93
CA MET C 254 2.82 22.88 2.50
C MET C 254 4.15 23.07 1.77
N VAL C 255 4.89 22.00 1.50
CA VAL C 255 6.20 22.16 0.85
C VAL C 255 6.05 22.78 -0.54
N ALA C 256 4.98 22.40 -1.27
CA ALA C 256 4.71 22.94 -2.60
C ALA C 256 4.26 24.42 -2.48
N GLN C 257 3.35 24.73 -1.53
CA GLN C 257 2.94 26.12 -1.32
C GLN C 257 4.13 26.99 -0.88
N ALA C 258 5.08 26.47 -0.06
CA ALA C 258 6.27 27.22 0.36
C ALA C 258 7.15 27.54 -0.86
N MET C 259 7.39 26.52 -1.70
CA MET C 259 8.16 26.62 -2.94
C MET C 259 7.60 27.72 -3.87
N LYS C 260 6.27 27.84 -3.99
CA LYS C 260 5.70 28.86 -4.89
C LYS C 260 5.33 30.20 -4.21
N SER C 261 5.61 30.34 -2.92
CA SER C 261 5.26 31.57 -2.19
C SER C 261 6.31 32.68 -2.40
N GLU C 262 6.07 33.81 -1.78
CA GLU C 262 7.06 34.89 -1.78
C GLU C 262 7.73 35.00 -0.40
N GLY C 263 7.54 33.97 0.43
CA GLY C 263 8.07 33.95 1.77
C GLY C 263 7.21 34.80 2.68
N GLY C 264 7.79 35.21 3.80
CA GLY C 264 7.10 36.06 4.77
C GLY C 264 6.10 35.32 5.63
N PHE C 265 6.51 34.18 6.17
CA PHE C 265 5.64 33.43 7.08
C PHE C 265 6.46 32.64 8.05
N ILE C 266 5.82 32.19 9.11
CA ILE C 266 6.36 31.31 10.15
C ILE C 266 5.83 29.92 9.79
N TRP C 267 6.70 28.93 9.83
CA TRP C 267 6.33 27.56 9.49
C TRP C 267 6.62 26.65 10.67
N ALA C 268 5.56 26.27 11.39
CA ALA C 268 5.66 25.32 12.51
C ALA C 268 5.78 23.92 11.93
N CYS C 269 6.92 23.28 12.19
CA CYS C 269 7.27 21.95 11.70
C CYS C 269 7.45 21.01 12.87
N LYS C 270 6.97 19.77 12.71
CA LYS C 270 7.22 18.69 13.67
C LYS C 270 8.73 18.40 13.55
N ASN C 271 9.31 17.76 14.55
CA ASN C 271 10.75 17.50 14.68
C ASN C 271 11.42 17.08 13.38
N TYR C 272 10.97 15.95 12.77
CA TYR C 272 11.55 15.43 11.53
C TYR C 272 11.42 16.40 10.34
N ASP C 273 10.21 16.92 10.11
CA ASP C 273 9.97 17.87 9.02
C ASP C 273 10.85 19.12 9.17
N GLY C 274 11.00 19.62 10.40
CA GLY C 274 11.82 20.79 10.69
C GLY C 274 13.25 20.53 10.29
N ASP C 275 13.76 19.33 10.61
CA ASP C 275 15.11 18.96 10.21
C ASP C 275 15.25 19.01 8.66
N VAL C 276 14.35 18.34 7.96
CA VAL C 276 14.42 18.25 6.50
C VAL C 276 14.18 19.56 5.79
N GLN C 277 13.07 20.20 6.11
CA GLN C 277 12.66 21.42 5.41
C GLN C 277 13.55 22.63 5.72
N SER C 278 14.21 22.68 6.92
CA SER C 278 15.11 23.80 7.22
C SER C 278 16.32 23.75 6.28
N ASP C 279 16.78 22.55 5.91
CA ASP C 279 17.91 22.45 4.99
C ASP C 279 17.49 22.79 3.54
N SER C 280 16.26 22.40 3.14
CA SER C 280 15.68 22.72 1.84
C SER C 280 15.54 24.26 1.69
N VAL C 281 14.93 24.91 2.70
CA VAL C 281 14.74 26.37 2.74
C VAL C 281 16.09 27.13 2.77
N ALA C 282 17.04 26.70 3.63
CA ALA C 282 18.37 27.34 3.70
C ALA C 282 19.04 27.29 2.30
N GLN C 283 19.00 26.13 1.65
CA GLN C 283 19.58 26.00 0.31
C GLN C 283 18.83 26.88 -0.72
N GLY C 284 17.50 26.93 -0.61
CA GLY C 284 16.66 27.74 -1.49
C GLY C 284 17.05 29.22 -1.47
N TYR C 285 17.43 29.73 -0.28
CA TYR C 285 17.85 31.13 -0.12
C TYR C 285 19.24 31.40 -0.66
N GLY C 286 19.99 30.36 -0.95
CA GLY C 286 21.29 30.51 -1.58
C GLY C 286 22.36 29.56 -1.14
N SER C 287 22.40 29.29 0.15
CA SER C 287 23.47 28.48 0.70
C SER C 287 23.04 27.79 1.95
N LEU C 288 23.27 26.48 1.95
CA LEU C 288 22.95 25.59 3.08
C LEU C 288 23.59 26.05 4.37
N GLY C 289 24.88 26.40 4.31
CA GLY C 289 25.65 26.86 5.46
C GLY C 289 25.30 28.24 6.00
N MET C 290 24.37 28.96 5.37
CA MET C 290 24.00 30.32 5.80
C MET C 290 22.65 30.27 6.50
N MET C 291 22.66 29.78 7.74
CA MET C 291 21.40 29.66 8.48
C MET C 291 21.68 29.79 9.96
N THR C 292 20.76 30.44 10.70
CA THR C 292 20.83 30.54 12.16
C THR C 292 19.94 29.43 12.71
N SER C 293 20.23 28.93 13.91
CA SER C 293 19.44 27.86 14.52
C SER C 293 19.50 28.06 16.04
N VAL C 294 18.37 28.42 16.64
CA VAL C 294 18.32 28.72 18.06
C VAL C 294 17.16 27.97 18.72
N LEU C 295 17.51 27.11 19.68
CA LEU C 295 16.54 26.40 20.49
C LEU C 295 16.03 27.39 21.53
N VAL C 296 14.72 27.63 21.56
CA VAL C 296 14.06 28.52 22.52
C VAL C 296 13.31 27.57 23.46
N CYS C 297 13.74 27.48 24.72
CA CYS C 297 13.16 26.55 25.69
C CYS C 297 11.81 27.02 26.25
N PRO C 298 10.96 26.10 26.79
CA PRO C 298 9.62 26.50 27.27
C PRO C 298 9.61 27.48 28.45
N ASP C 299 10.73 27.63 29.22
CA ASP C 299 10.78 28.56 30.35
C ASP C 299 10.76 30.03 29.93
N GLY C 300 11.03 30.29 28.65
CA GLY C 300 11.08 31.63 28.06
C GLY C 300 12.31 32.41 28.51
N LYS C 301 13.36 31.70 28.96
CA LYS C 301 14.56 32.30 29.51
C LYS C 301 15.82 31.59 28.98
N THR C 302 15.71 30.31 28.67
CA THR C 302 16.83 29.47 28.24
C THR C 302 16.89 29.31 26.73
N VAL C 303 18.10 29.45 26.16
CA VAL C 303 18.30 29.23 24.73
C VAL C 303 19.59 28.43 24.54
N GLU C 304 19.69 27.80 23.38
CA GLU C 304 20.89 27.12 22.92
C GLU C 304 20.99 27.46 21.44
N ALA C 305 22.03 28.25 21.05
CA ALA C 305 22.26 28.59 19.65
C ALA C 305 23.29 27.60 19.12
N GLU C 306 23.14 27.20 17.85
CA GLU C 306 24.08 26.22 17.29
C GLU C 306 24.35 26.44 15.79
N ALA C 307 25.39 25.78 15.26
CA ALA C 307 25.60 25.73 13.83
C ALA C 307 24.95 24.36 13.43
N ALA C 308 23.80 24.39 12.71
CA ALA C 308 23.02 23.21 12.31
C ALA C 308 23.60 22.34 11.18
N HIS C 309 24.62 22.84 10.48
CA HIS C 309 25.22 22.09 9.37
C HIS C 309 26.20 21.03 9.90
N GLY C 310 26.85 20.32 9.00
CA GLY C 310 27.79 19.27 9.38
C GLY C 310 29.15 19.79 9.80
N THR C 311 30.08 18.86 10.04
CA THR C 311 31.44 19.15 10.51
C THR C 311 32.42 19.34 9.36
N VAL C 312 31.90 19.32 8.11
CA VAL C 312 32.66 19.57 6.86
C VAL C 312 33.85 18.62 6.76
N THR C 313 33.57 17.30 6.82
CA THR C 313 34.60 16.26 6.78
C THR C 313 35.55 16.38 5.59
N ARG C 314 35.03 16.70 4.38
CA ARG C 314 35.85 16.82 3.18
C ARG C 314 36.92 17.89 3.34
N HIS C 315 36.58 19.05 3.93
CA HIS C 315 37.58 20.11 4.19
C HIS C 315 38.56 19.66 5.26
N TYR C 316 38.08 18.94 6.29
CA TYR C 316 38.92 18.43 7.36
C TYR C 316 39.97 17.44 6.82
N ARG C 317 39.58 16.57 5.88
CA ARG C 317 40.51 15.61 5.23
C ARG C 317 41.59 16.35 4.45
N MET C 318 41.21 17.44 3.76
CA MET C 318 42.15 18.28 3.01
C MET C 318 43.12 18.93 4.01
N TYR C 319 42.58 19.47 5.13
CA TYR C 319 43.38 20.09 6.21
C TYR C 319 44.41 19.10 6.77
N GLN C 320 43.99 17.83 7.00
CA GLN C 320 44.85 16.76 7.53
C GLN C 320 46.01 16.44 6.57
N LYS C 321 45.80 16.63 5.27
CA LYS C 321 46.80 16.36 4.20
C LYS C 321 47.67 17.60 3.93
N GLY C 322 47.53 18.64 4.75
CA GLY C 322 48.29 19.88 4.59
C GLY C 322 47.87 20.70 3.38
N GLN C 323 46.64 20.48 2.89
CA GLN C 323 46.12 21.22 1.76
C GLN C 323 45.39 22.45 2.26
N GLU C 324 45.38 23.53 1.47
CA GLU C 324 44.68 24.76 1.82
C GLU C 324 43.16 24.50 1.77
N THR C 325 42.42 25.08 2.73
CA THR C 325 40.97 24.93 2.80
C THR C 325 40.33 26.30 2.94
N SER C 326 39.05 26.39 2.55
CA SER C 326 38.30 27.63 2.56
C SER C 326 36.86 27.28 2.95
N THR C 327 36.57 27.30 4.27
CA THR C 327 35.27 26.89 4.86
C THR C 327 34.51 28.07 5.42
N ASN C 328 33.22 28.18 5.05
CA ASN C 328 32.34 29.23 5.52
C ASN C 328 32.13 29.14 7.03
N PRO C 329 32.62 30.13 7.83
CA PRO C 329 32.44 30.06 9.29
C PRO C 329 31.22 30.82 9.79
N ILE C 330 30.41 31.39 8.89
CA ILE C 330 29.31 32.29 9.27
C ILE C 330 28.29 31.67 10.22
N ALA C 331 27.79 30.44 9.94
CA ALA C 331 26.81 29.83 10.86
C ALA C 331 27.40 29.67 12.26
N SER C 332 28.70 29.29 12.35
CA SER C 332 29.37 29.13 13.63
C SER C 332 29.51 30.46 14.35
N ILE C 333 29.74 31.57 13.60
CA ILE C 333 29.81 32.91 14.16
C ILE C 333 28.44 33.32 14.70
N PHE C 334 27.38 33.06 13.93
CA PHE C 334 26.02 33.44 14.34
C PHE C 334 25.52 32.59 15.52
N ALA C 335 26.09 31.39 15.76
CA ALA C 335 25.71 30.62 16.96
C ALA C 335 26.20 31.48 18.18
N TRP C 336 27.43 32.01 18.10
CA TRP C 336 27.99 32.89 19.17
C TRP C 336 27.21 34.19 19.27
N THR C 337 26.92 34.86 18.15
CA THR C 337 26.19 36.14 18.24
C THR C 337 24.78 35.99 18.75
N ARG C 338 24.09 34.92 18.37
CA ARG C 338 22.70 34.69 18.83
C ARG C 338 22.71 34.32 20.31
N GLY C 339 23.66 33.51 20.74
CA GLY C 339 23.82 33.20 22.16
C GLY C 339 24.15 34.44 22.99
N LEU C 340 25.14 35.24 22.51
CA LEU C 340 25.54 36.49 23.21
C LEU C 340 24.42 37.54 23.22
N ALA C 341 23.61 37.63 22.15
CA ALA C 341 22.47 38.55 22.09
C ALA C 341 21.42 38.16 23.13
N HIS C 342 21.20 36.83 23.37
CA HIS C 342 20.24 36.40 24.38
C HIS C 342 20.77 36.66 25.79
N ARG C 343 22.07 36.37 26.01
CA ARG C 343 22.77 36.64 27.27
C ARG C 343 22.61 38.13 27.64
N ALA C 344 22.81 39.01 26.65
CA ALA C 344 22.70 40.47 26.78
C ALA C 344 21.28 40.91 27.16
N LYS C 345 20.26 40.26 26.56
CA LYS C 345 18.84 40.54 26.85
C LYS C 345 18.52 40.11 28.29
N LEU C 346 19.02 38.95 28.73
CA LEU C 346 18.76 38.49 30.11
C LEU C 346 19.42 39.41 31.16
N ASP C 347 20.63 39.88 30.85
CA ASP C 347 21.43 40.71 31.75
C ASP C 347 21.26 42.22 31.57
N ASN C 348 20.43 42.65 30.58
CA ASN C 348 20.22 44.07 30.21
C ASN C 348 21.60 44.73 29.98
N ASN C 349 22.45 44.02 29.23
CA ASN C 349 23.82 44.41 28.94
C ASN C 349 23.86 45.01 27.55
N LYS C 350 23.77 46.35 27.49
CA LYS C 350 23.73 47.11 26.23
C LYS C 350 25.00 46.95 25.40
N GLU C 351 26.16 46.91 26.05
CA GLU C 351 27.44 46.79 25.36
C GLU C 351 27.56 45.43 24.67
N LEU C 352 27.10 44.36 25.35
CA LEU C 352 27.14 43.02 24.78
C LEU C 352 26.15 42.89 23.62
N ALA C 353 24.94 43.50 23.76
CA ALA C 353 23.92 43.49 22.73
C ALA C 353 24.45 44.20 21.48
N PHE C 354 25.19 45.33 21.69
CA PHE C 354 25.76 46.09 20.59
C PHE C 354 26.82 45.23 19.90
N PHE C 355 27.70 44.60 20.69
CA PHE C 355 28.78 43.74 20.17
C PHE C 355 28.21 42.60 19.28
N ALA C 356 27.22 41.84 19.80
CA ALA C 356 26.60 40.69 19.10
C ALA C 356 26.05 41.15 17.73
N ASN C 357 25.29 42.26 17.71
CA ASN C 357 24.77 42.82 16.47
C ASN C 357 25.87 43.30 15.52
N ALA C 358 26.91 43.97 16.06
CA ALA C 358 28.03 44.47 15.23
C ALA C 358 28.77 43.34 14.53
N LEU C 359 28.97 42.21 15.24
CA LEU C 359 29.67 41.06 14.63
C LEU C 359 28.81 40.44 13.48
N GLU C 360 27.48 40.41 13.64
CA GLU C 360 26.58 39.94 12.56
C GLU C 360 26.68 40.87 11.35
N GLU C 361 26.65 42.20 11.61
CA GLU C 361 26.78 43.23 10.55
C GLU C 361 28.10 43.11 9.82
N VAL C 362 29.20 42.97 10.55
CA VAL C 362 30.56 42.81 9.98
C VAL C 362 30.62 41.60 9.06
N SER C 363 30.03 40.46 9.51
CA SER C 363 30.04 39.21 8.76
C SER C 363 29.34 39.39 7.42
N ILE C 364 28.15 40.01 7.42
CA ILE C 364 27.36 40.25 6.20
C ILE C 364 28.05 41.28 5.31
N GLU C 365 28.52 42.41 5.90
CA GLU C 365 29.21 43.46 5.15
C GLU C 365 30.46 42.95 4.46
N THR C 366 31.21 42.04 5.12
CA THR C 366 32.46 41.50 4.53
C THR C 366 32.14 40.70 3.26
N ILE C 367 31.16 39.78 3.35
CA ILE C 367 30.75 38.95 2.20
C ILE C 367 30.18 39.83 1.09
N GLU C 368 29.30 40.78 1.42
CA GLU C 368 28.69 41.69 0.46
C GLU C 368 29.72 42.59 -0.26
N ALA C 369 30.89 42.82 0.36
CA ALA C 369 32.01 43.59 -0.20
C ALA C 369 32.85 42.72 -1.13
N GLY C 370 32.51 41.42 -1.23
CA GLY C 370 33.19 40.48 -2.12
C GLY C 370 34.30 39.65 -1.53
N PHE C 371 34.43 39.64 -0.18
CA PHE C 371 35.45 38.84 0.51
C PHE C 371 34.73 37.64 1.11
N MET C 372 35.08 36.43 0.67
CA MET C 372 34.36 35.22 1.09
C MET C 372 35.20 33.98 0.85
N THR C 373 34.70 32.84 1.35
CA THR C 373 35.34 31.54 1.22
C THR C 373 34.93 30.90 -0.13
N LYS C 374 35.67 29.89 -0.59
CA LYS C 374 35.49 29.20 -1.87
C LYS C 374 34.05 28.69 -2.06
N ASP C 375 33.45 28.10 -1.00
CA ASP C 375 32.09 27.55 -1.05
C ASP C 375 31.09 28.63 -1.41
N LEU C 376 31.24 29.84 -0.84
CA LEU C 376 30.33 30.96 -1.17
C LEU C 376 30.65 31.57 -2.54
N ALA C 377 31.95 31.63 -2.91
CA ALA C 377 32.34 32.17 -4.22
C ALA C 377 31.75 31.28 -5.32
N ALA C 378 31.69 29.94 -5.09
CA ALA C 378 31.08 29.00 -6.03
C ALA C 378 29.58 29.25 -6.21
N CYS C 379 28.85 29.73 -5.18
CA CYS C 379 27.43 30.08 -5.31
C CYS C 379 27.23 31.20 -6.33
N ILE C 380 28.18 32.15 -6.38
CA ILE C 380 28.08 33.31 -7.29
C ILE C 380 28.55 33.01 -8.69
N LYS C 381 29.73 32.38 -8.82
CA LYS C 381 30.35 32.15 -10.12
C LYS C 381 30.17 30.77 -10.74
N GLY C 382 29.88 29.77 -9.91
CA GLY C 382 29.82 28.38 -10.32
C GLY C 382 31.22 27.85 -10.08
N LEU C 383 31.33 26.69 -9.40
CA LEU C 383 32.64 26.12 -9.04
C LEU C 383 33.66 26.02 -10.21
N PRO C 384 33.31 25.61 -11.46
CA PRO C 384 34.35 25.55 -12.53
C PRO C 384 34.96 26.90 -12.92
N ASN C 385 34.29 28.02 -12.57
CA ASN C 385 34.72 29.38 -12.89
C ASN C 385 35.47 30.08 -11.73
N VAL C 386 35.60 29.40 -10.59
CA VAL C 386 36.26 29.97 -9.42
C VAL C 386 37.78 29.83 -9.56
N GLN C 387 38.47 30.96 -9.43
CA GLN C 387 39.93 31.04 -9.44
C GLN C 387 40.36 31.37 -8.00
N ARG C 388 41.64 31.11 -7.66
CA ARG C 388 42.18 31.39 -6.34
C ARG C 388 42.00 32.86 -5.91
N SER C 389 42.03 33.80 -6.87
CA SER C 389 41.82 35.22 -6.62
C SER C 389 40.39 35.60 -6.20
N ASP C 390 39.41 34.67 -6.40
CA ASP C 390 37.99 34.91 -6.06
C ASP C 390 37.63 34.68 -4.59
N TYR C 391 38.55 34.10 -3.81
CA TYR C 391 38.21 33.79 -2.43
C TYR C 391 39.40 33.87 -1.49
N LEU C 392 39.10 33.77 -0.21
CA LEU C 392 40.09 33.79 0.85
C LEU C 392 40.07 32.41 1.51
N ASN C 393 41.22 31.91 1.96
CA ASN C 393 41.22 30.65 2.70
C ASN C 393 40.61 30.93 4.09
N THR C 394 40.36 29.89 4.90
CA THR C 394 39.73 30.06 6.21
C THR C 394 40.48 31.06 7.11
N PHE C 395 41.83 30.97 7.22
CA PHE C 395 42.63 31.88 8.05
C PHE C 395 42.54 33.32 7.53
N GLU C 396 42.70 33.51 6.20
CA GLU C 396 42.62 34.84 5.57
C GLU C 396 41.24 35.45 5.80
N PHE C 397 40.18 34.64 5.68
CA PHE C 397 38.83 35.13 5.86
C PHE C 397 38.58 35.55 7.30
N MET C 398 39.04 34.72 8.28
CA MET C 398 38.90 35.03 9.71
C MET C 398 39.68 36.32 10.05
N ASP C 399 40.88 36.50 9.43
CA ASP C 399 41.70 37.70 9.62
C ASP C 399 40.97 38.94 9.10
N LYS C 400 40.31 38.81 7.91
CA LYS C 400 39.57 39.90 7.29
C LYS C 400 38.40 40.30 8.18
N LEU C 401 37.66 39.30 8.72
CA LEU C 401 36.53 39.57 9.63
C LEU C 401 37.02 40.26 10.89
N GLY C 402 38.13 39.79 11.46
CA GLY C 402 38.74 40.36 12.66
C GLY C 402 39.13 41.82 12.48
N GLU C 403 39.81 42.12 11.34
CA GLU C 403 40.18 43.49 10.96
C GLU C 403 38.91 44.35 10.83
N ASN C 404 37.86 43.86 10.12
CA ASN C 404 36.59 44.61 9.97
C ASN C 404 35.85 44.79 11.28
N LEU C 405 35.93 43.80 12.17
CA LEU C 405 35.27 43.90 13.47
C LEU C 405 36.00 44.96 14.32
N LYS C 406 37.34 44.93 14.36
CA LYS C 406 38.13 45.91 15.13
C LYS C 406 37.74 47.35 14.68
N ILE C 407 37.65 47.56 13.36
CA ILE C 407 37.25 48.85 12.75
C ILE C 407 35.84 49.24 13.18
N LYS C 408 34.84 48.34 13.04
CA LYS C 408 33.45 48.64 13.44
C LYS C 408 33.34 49.05 14.91
N LEU C 409 34.03 48.30 15.79
CA LEU C 409 34.01 48.55 17.23
C LEU C 409 34.73 49.84 17.58
N ALA C 410 35.88 50.11 16.94
CA ALA C 410 36.65 51.38 17.15
C ALA C 410 35.78 52.59 16.79
N GLN C 411 35.04 52.51 15.66
CA GLN C 411 34.16 53.60 15.18
C GLN C 411 32.96 53.78 16.10
N ALA C 412 32.42 52.68 16.62
CA ALA C 412 31.29 52.75 17.55
C ALA C 412 31.70 53.43 18.86
N LYS C 413 32.92 53.17 19.35
CA LYS C 413 33.46 53.78 20.56
C LYS C 413 33.63 55.31 20.35
N LEU C 414 34.10 55.71 19.16
CA LEU C 414 34.28 57.11 18.77
C LEU C 414 32.97 57.82 18.55
N SER C 415 31.92 57.07 18.20
CA SER C 415 30.57 57.55 17.89
C SER C 415 29.87 58.11 19.10
N LEU C 416 30.29 57.64 20.29
CA LEU C 416 29.75 57.95 21.62
C LEU C 416 29.87 59.41 22.03
N GLU C 417 28.72 60.00 22.35
CA GLU C 417 28.56 61.36 22.81
C GLU C 417 29.14 61.48 24.24
N HIS C 418 30.15 62.35 24.41
CA HIS C 418 30.88 62.61 25.66
C HIS C 418 29.96 63.10 26.78
#